data_4DR8
#
_entry.id   4DR8
#
_cell.length_a   43.400
_cell.length_b   65.360
_cell.length_c   69.030
_cell.angle_alpha   80.01
_cell.angle_beta   76.38
_cell.angle_gamma   81.71
#
_symmetry.space_group_name_H-M   'P 1'
#
loop_
_entity.id
_entity.type
_entity.pdbx_description
1 polymer 'Peptide deformylase'
2 non-polymer 'ZINC ION'
3 non-polymer 1,2-ETHANEDIOL
4 non-polymer 'FORMIC ACID'
5 non-polymer 'CHLORIDE ION'
6 water water
#
_entity_poly.entity_id   1
_entity_poly.type   'polypeptide(L)'
_entity_poly.pdbx_seq_one_letter_code
;STAAVAIRVAKKKLAKPPLDLHYLGDRVLRQPAKRVSRIDDELRQTIRQMLQTMYSADGIGLAAPQVGINKQLIVIDLEL
EDEQAPPLVLINPKIERTAGDLEQCQEGCLSIPGVYLDVERPEIVEVSYKDENGRPQRLVADGLLARCIQHEMDHLNGVL
FVDRVENRLELNEALDKKGFAVQAVRPVAAAS
;
_entity_poly.pdbx_strand_id   A,B,C,D
#
loop_
_chem_comp.id
_chem_comp.type
_chem_comp.name
_chem_comp.formula
CL non-polymer 'CHLORIDE ION' 'Cl -1'
EDO non-polymer 1,2-ETHANEDIOL 'C2 H6 O2'
FMT non-polymer 'FORMIC ACID' 'C H2 O2'
ZN non-polymer 'ZINC ION' 'Zn 2'
#
# COMPACT_ATOMS: atom_id res chain seq x y z
N THR A 2 42.59 15.64 -2.90
CA THR A 2 41.91 16.91 -3.27
C THR A 2 40.51 16.63 -3.86
N ALA A 3 39.45 17.12 -3.18
CA ALA A 3 38.04 16.91 -3.62
C ALA A 3 37.69 17.60 -4.94
N ALA A 4 37.07 16.84 -5.85
CA ALA A 4 36.58 17.36 -7.13
C ALA A 4 35.09 17.06 -7.41
N VAL A 5 34.35 16.57 -6.42
CA VAL A 5 32.90 16.38 -6.53
C VAL A 5 32.23 17.32 -5.56
N ALA A 6 31.32 18.15 -6.08
CA ALA A 6 30.56 19.10 -5.28
C ALA A 6 29.20 18.51 -4.96
N ILE A 7 28.76 18.70 -3.72
CA ILE A 7 27.44 18.29 -3.22
C ILE A 7 26.50 19.47 -3.40
N ARG A 8 25.81 19.54 -4.55
CA ARG A 8 24.93 20.67 -4.81
C ARG A 8 23.60 20.17 -5.34
N VAL A 9 22.91 19.38 -4.51
CA VAL A 9 21.72 18.65 -5.00
C VAL A 9 20.40 19.45 -4.85
N ALA A 10 19.70 19.61 -5.97
CA ALA A 10 18.36 20.18 -5.96
C ALA A 10 17.43 19.37 -5.07
N LYS A 11 16.66 20.09 -4.25
CA LYS A 11 15.72 19.42 -3.30
C LYS A 11 14.43 19.07 -4.03
N LYS A 12 14.54 18.14 -4.98
CA LYS A 12 13.47 17.92 -5.95
C LYS A 12 13.33 16.43 -6.12
N LYS A 13 12.09 15.97 -6.25
CA LYS A 13 11.86 14.58 -6.60
C LYS A 13 12.17 14.35 -8.04
N LEU A 14 12.84 13.24 -8.29
CA LEU A 14 13.29 12.83 -9.61
C LEU A 14 12.44 11.70 -10.14
N ALA A 15 12.17 11.70 -11.44
CA ALA A 15 11.49 10.59 -12.15
C ALA A 15 12.17 9.23 -11.88
N LYS A 16 13.50 9.21 -11.93
CA LYS A 16 14.28 7.97 -11.71
C LYS A 16 15.33 8.20 -10.62
N PRO A 17 14.95 8.03 -9.35
CA PRO A 17 15.90 8.18 -8.25
C PRO A 17 16.99 7.10 -8.37
N PRO A 18 18.22 7.41 -7.95
CA PRO A 18 19.38 6.53 -8.26
C PRO A 18 19.55 5.31 -7.37
N LEU A 19 19.07 5.32 -6.13
CA LEU A 19 19.27 4.20 -5.22
C LEU A 19 17.89 3.63 -4.81
N ASP A 20 17.87 2.37 -4.38
CA ASP A 20 16.64 1.69 -3.96
C ASP A 20 16.59 1.48 -2.46
N LEU A 21 15.44 1.77 -1.90
CA LEU A 21 15.19 1.54 -0.47
C LEU A 21 14.95 0.06 -0.13
N HIS A 22 15.31 -0.29 1.11
CA HIS A 22 15.05 -1.56 1.72
C HIS A 22 14.16 -1.38 2.92
N TYR A 23 13.33 -2.38 3.24
CA TYR A 23 12.21 -2.20 4.10
C TYR A 23 12.24 -3.21 5.29
N LEU A 24 11.54 -2.85 6.33
CA LEU A 24 11.48 -3.64 7.58
C LEU A 24 11.27 -5.12 7.27
N GLY A 25 12.15 -5.94 7.83
CA GLY A 25 12.21 -7.36 7.47
C GLY A 25 13.52 -7.74 6.81
N ASP A 26 13.96 -6.87 5.91
CA ASP A 26 15.20 -7.05 5.18
C ASP A 26 16.38 -7.03 6.14
N ARG A 27 17.24 -8.07 6.07
CA ARG A 27 18.42 -8.13 6.97
C ARG A 27 19.41 -6.97 6.83
N VAL A 28 19.38 -6.25 5.72
CA VAL A 28 20.33 -5.13 5.56
C VAL A 28 20.11 -4.07 6.62
N LEU A 29 18.89 -3.97 7.13
CA LEU A 29 18.54 -2.97 8.09
C LEU A 29 18.98 -3.34 9.51
N ARG A 30 19.44 -4.58 9.72
CA ARG A 30 19.82 -5.08 11.04
C ARG A 30 21.33 -5.29 11.18
N GLN A 31 22.10 -4.81 10.20
CA GLN A 31 23.55 -5.01 10.22
CA GLN A 31 23.56 -5.00 10.23
C GLN A 31 24.21 -3.72 10.69
N PRO A 32 24.89 -3.75 11.84
CA PRO A 32 25.61 -2.53 12.19
C PRO A 32 26.62 -2.15 11.10
N ALA A 33 26.66 -0.86 10.87
CA ALA A 33 27.35 -0.29 9.74
C ALA A 33 28.86 -0.23 9.92
N LYS A 34 29.53 -0.54 8.84
CA LYS A 34 30.94 -0.46 8.74
C LYS A 34 31.42 1.00 8.74
N ARG A 35 32.53 1.24 9.40
CA ARG A 35 33.10 2.55 9.49
C ARG A 35 33.62 2.96 8.11
N VAL A 36 33.54 4.25 7.78
CA VAL A 36 34.01 4.77 6.50
C VAL A 36 35.52 5.02 6.57
N SER A 37 36.27 4.41 5.65
CA SER A 37 37.74 4.54 5.62
C SER A 37 38.26 5.76 4.85
N ARG A 38 37.58 6.13 3.77
CA ARG A 38 37.90 7.29 2.91
C ARG A 38 36.76 8.24 2.63
N ILE A 39 36.95 9.51 2.91
CA ILE A 39 36.00 10.52 2.60
C ILE A 39 36.60 11.18 1.39
N ASP A 40 36.18 10.69 0.23
CA ASP A 40 36.72 11.13 -1.04
C ASP A 40 35.63 11.32 -2.07
N ASP A 41 35.98 11.53 -3.32
CA ASP A 41 35.02 11.86 -4.34
C ASP A 41 34.00 10.75 -4.61
N GLU A 42 34.43 9.51 -4.56
CA GLU A 42 33.53 8.38 -4.71
C GLU A 42 32.45 8.39 -3.62
N LEU A 43 32.86 8.64 -2.38
CA LEU A 43 31.89 8.77 -1.26
C LEU A 43 30.96 9.96 -1.53
N ARG A 44 31.48 11.07 -2.02
CA ARG A 44 30.65 12.24 -2.25
C ARG A 44 29.60 11.98 -3.35
N GLN A 45 29.94 11.15 -4.32
CA GLN A 45 28.93 10.76 -5.34
C GLN A 45 27.81 9.94 -4.68
N THR A 46 28.18 9.06 -3.76
CA THR A 46 27.19 8.28 -3.02
C THR A 46 26.34 9.25 -2.17
N ILE A 47 26.95 10.26 -1.56
CA ILE A 47 26.20 11.28 -0.78
C ILE A 47 25.17 11.98 -1.68
N ARG A 48 25.59 12.39 -2.88
CA ARG A 48 24.65 13.03 -3.81
C ARG A 48 23.49 12.09 -4.10
N GLN A 49 23.79 10.84 -4.39
CA GLN A 49 22.76 9.86 -4.72
C GLN A 49 21.83 9.58 -3.52
N MET A 50 22.38 9.56 -2.30
CA MET A 50 21.53 9.39 -1.12
C MET A 50 20.58 10.58 -0.99
N LEU A 51 21.08 11.80 -1.16
CA LEU A 51 20.21 12.96 -1.13
C LEU A 51 19.11 12.89 -2.18
N GLN A 52 19.48 12.61 -3.45
CA GLN A 52 18.49 12.53 -4.49
C GLN A 52 17.41 11.50 -4.13
N THR A 53 17.82 10.37 -3.58
CA THR A 53 16.88 9.26 -3.18
C THR A 53 15.98 9.72 -2.05
N MET A 54 16.56 10.42 -1.08
CA MET A 54 15.82 10.91 0.07
C MET A 54 14.78 11.93 -0.35
N TYR A 55 15.19 12.90 -1.18
CA TYR A 55 14.22 13.91 -1.61
C TYR A 55 13.10 13.26 -2.42
N SER A 56 13.45 12.27 -3.23
CA SER A 56 12.46 11.66 -4.10
C SER A 56 11.42 10.83 -3.32
N ALA A 57 11.82 10.31 -2.18
CA ALA A 57 10.94 9.54 -1.28
C ALA A 57 10.31 10.42 -0.18
N ASP A 58 10.43 11.75 -0.29
CA ASP A 58 9.82 12.70 0.66
C ASP A 58 10.33 12.52 2.07
N GLY A 59 11.60 12.23 2.20
CA GLY A 59 12.19 12.05 3.51
C GLY A 59 12.99 13.26 3.99
N ILE A 60 13.34 13.18 5.26
CA ILE A 60 14.15 14.18 5.92
C ILE A 60 15.50 13.65 6.40
N GLY A 61 15.64 12.35 6.50
CA GLY A 61 16.92 11.72 6.83
C GLY A 61 17.02 10.38 6.12
N LEU A 62 18.26 9.94 5.93
CA LEU A 62 18.51 8.66 5.24
C LEU A 62 19.91 8.21 5.68
N ALA A 63 19.97 6.98 6.16
CA ALA A 63 21.16 6.29 6.57
C ALA A 63 21.54 5.30 5.47
N ALA A 64 22.85 5.15 5.24
CA ALA A 64 23.32 4.32 4.14
C ALA A 64 22.77 2.87 4.12
N PRO A 65 22.66 2.22 5.28
CA PRO A 65 22.10 0.85 5.22
C PRO A 65 20.68 0.75 4.64
N GLN A 66 19.88 1.82 4.71
CA GLN A 66 18.55 1.84 4.14
C GLN A 66 18.55 1.70 2.63
N VAL A 67 19.66 2.04 1.98
CA VAL A 67 19.79 1.89 0.53
C VAL A 67 20.79 0.79 0.19
N GLY A 68 21.01 -0.11 1.14
CA GLY A 68 21.87 -1.27 0.91
C GLY A 68 23.36 -1.00 0.94
N ILE A 69 23.77 0.15 1.49
CA ILE A 69 25.17 0.56 1.54
C ILE A 69 25.67 0.43 2.98
N ASN A 70 26.67 -0.44 3.19
CA ASN A 70 27.12 -0.74 4.54
C ASN A 70 28.18 0.25 4.96
N LYS A 71 27.75 1.43 5.39
CA LYS A 71 28.66 2.47 5.77
C LYS A 71 28.01 3.34 6.85
N GLN A 72 28.83 3.81 7.80
CA GLN A 72 28.41 4.80 8.82
C GLN A 72 28.28 6.19 8.19
N LEU A 73 27.20 6.37 7.46
CA LEU A 73 27.00 7.58 6.65
C LEU A 73 25.50 7.96 6.69
N ILE A 74 25.18 9.18 7.11
CA ILE A 74 23.81 9.68 7.24
C ILE A 74 23.74 11.01 6.48
N VAL A 75 22.62 11.25 5.78
CA VAL A 75 22.29 12.57 5.27
C VAL A 75 20.96 13.00 5.90
N ILE A 76 20.87 14.28 6.26
CA ILE A 76 19.67 14.87 6.91
C ILE A 76 19.37 16.21 6.25
N ASP A 77 18.11 16.52 5.96
CA ASP A 77 17.79 17.86 5.45
C ASP A 77 16.36 18.13 5.88
N LEU A 78 16.27 18.84 6.98
CA LEU A 78 14.95 19.05 7.57
C LEU A 78 14.55 20.47 7.74
N GLU A 79 15.38 21.40 7.31
CA GLU A 79 15.08 22.82 7.52
C GLU A 79 13.93 23.21 6.61
N LEU A 80 12.93 23.86 7.19
CA LEU A 80 11.80 24.33 6.40
C LEU A 80 11.92 25.81 5.98
N GLU A 81 12.48 26.64 6.88
CA GLU A 81 12.52 28.09 6.69
C GLU A 81 13.54 28.48 5.61
N ASP A 82 14.82 28.14 5.80
CA ASP A 82 15.84 28.42 4.78
C ASP A 82 15.77 27.26 3.79
N GLU A 83 14.98 27.46 2.73
CA GLU A 83 14.64 26.39 1.79
C GLU A 83 15.90 25.76 1.19
N GLN A 84 16.91 26.59 0.91
CA GLN A 84 18.16 26.15 0.27
C GLN A 84 19.37 25.96 1.24
N ALA A 85 19.12 25.85 2.54
CA ALA A 85 20.19 25.56 3.50
C ALA A 85 20.88 24.25 3.13
N PRO A 86 22.19 24.15 3.38
CA PRO A 86 22.87 22.92 3.04
C PRO A 86 22.37 21.73 3.88
N PRO A 87 22.39 20.52 3.30
CA PRO A 87 22.10 19.32 4.09
C PRO A 87 23.22 19.00 5.07
N LEU A 88 22.85 18.31 6.11
CA LEU A 88 23.78 17.82 7.13
C LEU A 88 24.24 16.45 6.70
N VAL A 89 25.55 16.27 6.58
CA VAL A 89 26.15 14.97 6.24
C VAL A 89 26.98 14.51 7.46
N LEU A 90 26.65 13.35 8.00
CA LEU A 90 27.39 12.79 9.13
C LEU A 90 28.16 11.55 8.66
N ILE A 91 29.48 11.57 8.83
CA ILE A 91 30.30 10.41 8.48
C ILE A 91 30.99 9.94 9.77
N ASN A 92 30.89 8.64 10.02
CA ASN A 92 31.41 8.01 11.26
C ASN A 92 30.98 8.73 12.53
N PRO A 93 29.67 9.06 12.63
CA PRO A 93 29.24 9.83 13.81
C PRO A 93 29.28 9.07 15.14
N LYS A 94 29.34 9.81 16.23
CA LYS A 94 29.33 9.22 17.55
C LYS A 94 28.44 10.08 18.43
N ILE A 95 27.45 9.48 19.10
CA ILE A 95 26.72 10.23 20.14
C ILE A 95 27.58 10.43 21.38
N GLU A 96 27.88 11.67 21.71
CA GLU A 96 28.72 11.95 22.88
C GLU A 96 27.91 11.91 24.15
N ARG A 97 26.67 12.42 24.08
CA ARG A 97 25.75 12.40 25.20
C ARG A 97 24.39 12.85 24.72
N THR A 98 23.38 12.58 25.55
CA THR A 98 22.04 13.10 25.38
C THR A 98 21.69 13.90 26.60
N ALA A 99 20.66 14.70 26.52
CA ALA A 99 20.26 15.56 27.61
C ALA A 99 18.77 15.93 27.44
N GLY A 100 18.25 16.68 28.41
CA GLY A 100 16.86 17.09 28.42
C GLY A 100 15.93 16.00 28.88
N ASP A 101 14.65 16.25 28.79
CA ASP A 101 13.68 15.22 29.17
C ASP A 101 13.43 14.24 28.04
N LEU A 102 12.79 13.14 28.40
CA LEU A 102 12.24 12.22 27.40
C LEU A 102 10.96 12.82 26.80
N GLU A 103 10.88 12.87 25.48
CA GLU A 103 9.74 13.38 24.77
C GLU A 103 9.23 12.33 23.82
N GLN A 104 7.89 12.24 23.72
CA GLN A 104 7.24 11.26 22.88
C GLN A 104 6.70 12.00 21.68
N CYS A 105 7.07 11.55 20.49
CA CYS A 105 6.61 12.16 19.25
C CYS A 105 6.41 11.09 18.22
N GLN A 106 5.51 11.38 17.27
CA GLN A 106 5.31 10.52 16.13
C GLN A 106 6.53 10.49 15.23
N GLU A 107 6.92 9.30 14.80
CA GLU A 107 7.97 9.13 13.80
C GLU A 107 7.49 8.27 12.63
N GLY A 108 8.11 8.47 11.47
CA GLY A 108 7.99 7.57 10.36
C GLY A 108 9.40 7.21 9.90
N CYS A 109 9.49 6.44 8.85
CA CYS A 109 10.77 6.04 8.31
C CYS A 109 10.63 5.62 6.85
N LEU A 110 11.60 5.99 6.01
CA LEU A 110 11.56 5.58 4.60
C LEU A 110 11.67 4.08 4.41
N SER A 111 12.19 3.37 5.39
CA SER A 111 12.30 1.92 5.34
C SER A 111 11.09 1.22 5.96
N ILE A 112 10.15 1.98 6.50
CA ILE A 112 8.91 1.44 7.01
C ILE A 112 7.76 2.29 6.53
N PRO A 113 7.55 2.29 5.20
CA PRO A 113 6.60 3.20 4.57
C PRO A 113 5.21 2.96 5.07
N GLY A 114 4.54 4.06 5.42
CA GLY A 114 3.16 4.04 5.85
C GLY A 114 2.89 3.73 7.30
N VAL A 115 3.95 3.57 8.09
CA VAL A 115 3.87 3.30 9.52
C VAL A 115 4.34 4.54 10.33
N TYR A 116 3.46 5.07 11.17
CA TYR A 116 3.70 6.26 11.97
C TYR A 116 3.28 5.96 13.39
N LEU A 117 4.25 5.97 14.30
CA LEU A 117 4.05 5.54 15.67
C LEU A 117 4.83 6.44 16.62
N ASP A 118 4.40 6.47 17.87
CA ASP A 118 5.02 7.33 18.86
C ASP A 118 6.29 6.69 19.43
N VAL A 119 7.37 7.49 19.54
CA VAL A 119 8.64 7.05 20.10
C VAL A 119 9.12 8.08 21.11
N GLU A 120 9.60 7.59 22.24
CA GLU A 120 10.18 8.41 23.29
C GLU A 120 11.70 8.44 23.13
N ARG A 121 12.25 9.66 23.13
CA ARG A 121 13.73 9.84 23.03
C ARG A 121 14.11 11.06 23.85
N PRO A 122 15.38 11.13 24.25
CA PRO A 122 15.88 12.34 24.88
C PRO A 122 15.75 13.51 23.91
N GLU A 123 15.41 14.69 24.43
CA GLU A 123 15.14 15.80 23.53
C GLU A 123 16.40 16.42 22.95
N ILE A 124 17.53 16.26 23.60
CA ILE A 124 18.80 16.85 23.18
C ILE A 124 19.87 15.80 22.92
N VAL A 125 20.64 15.98 21.85
CA VAL A 125 21.77 15.09 21.54
C VAL A 125 23.01 15.88 21.16
N GLU A 126 24.19 15.41 21.55
CA GLU A 126 25.46 15.94 21.10
C GLU A 126 26.14 14.87 20.27
N VAL A 127 26.53 15.18 19.03
CA VAL A 127 27.17 14.21 18.16
CA VAL A 127 27.20 14.22 18.18
C VAL A 127 28.49 14.80 17.63
N SER A 128 29.51 13.97 17.54
CA SER A 128 30.73 14.29 16.85
C SER A 128 30.79 13.48 15.55
N TYR A 129 31.39 14.02 14.51
CA TYR A 129 31.39 13.40 13.20
C TYR A 129 32.39 14.04 12.28
N LYS A 130 32.58 13.45 11.10
CA LYS A 130 33.34 14.11 10.03
C LYS A 130 32.31 14.50 8.96
N ASP A 131 32.52 15.67 8.39
CA ASP A 131 31.63 16.17 7.34
C ASP A 131 32.05 15.68 5.96
N GLU A 132 31.32 16.12 4.96
CA GLU A 132 31.50 15.64 3.60
C GLU A 132 32.88 16.03 3.03
N ASN A 133 33.58 16.96 3.68
CA ASN A 133 34.92 17.35 3.29
C ASN A 133 36.01 16.71 4.16
N GLY A 134 35.60 15.82 5.05
CA GLY A 134 36.51 15.15 5.98
C GLY A 134 36.93 15.87 7.23
N ARG A 135 36.36 17.05 7.45
CA ARG A 135 36.71 17.88 8.57
C ARG A 135 35.95 17.42 9.82
N PRO A 136 36.60 17.33 10.97
CA PRO A 136 35.88 16.97 12.19
C PRO A 136 34.91 18.09 12.62
N GLN A 137 33.73 17.70 13.07
CA GLN A 137 32.71 18.62 13.52
C GLN A 137 32.06 18.07 14.79
N ARG A 138 31.33 18.95 15.47
CA ARG A 138 30.57 18.61 16.64
C ARG A 138 29.29 19.44 16.58
N LEU A 139 28.18 18.86 17.00
CA LEU A 139 26.88 19.46 16.96
C LEU A 139 26.06 19.10 18.21
N VAL A 140 25.43 20.11 18.81
CA VAL A 140 24.37 19.88 19.81
C VAL A 140 23.05 20.30 19.17
N ALA A 141 22.04 19.43 19.32
CA ALA A 141 20.76 19.56 18.66
C ALA A 141 19.63 19.30 19.63
N ASP A 142 18.47 19.92 19.35
CA ASP A 142 17.24 19.65 20.04
C ASP A 142 16.12 19.46 19.04
N GLY A 143 14.89 19.36 19.56
CA GLY A 143 13.69 19.24 18.70
C GLY A 143 13.81 18.20 17.58
N LEU A 144 13.32 18.60 16.39
CA LEU A 144 13.26 17.65 15.29
C LEU A 144 14.63 17.19 14.85
N LEU A 145 15.59 18.10 14.88
CA LEU A 145 16.97 17.73 14.46
C LEU A 145 17.52 16.64 15.37
N ALA A 146 17.41 16.81 16.70
CA ALA A 146 17.93 15.80 17.62
C ALA A 146 17.19 14.50 17.44
N ARG A 147 15.90 14.56 17.15
CA ARG A 147 15.10 13.35 16.96
C ARG A 147 15.57 12.59 15.73
N CYS A 148 15.76 13.34 14.65
CA CYS A 148 16.18 12.73 13.36
C CYS A 148 17.62 12.17 13.48
N ILE A 149 18.51 12.91 14.16
CA ILE A 149 19.84 12.39 14.39
C ILE A 149 19.79 11.07 15.13
N GLN A 150 19.01 10.99 16.20
CA GLN A 150 18.94 9.76 16.97
C GLN A 150 18.34 8.59 16.23
N HIS A 151 17.30 8.86 15.46
CA HIS A 151 16.68 7.88 14.55
C HIS A 151 17.71 7.37 13.55
N GLU A 152 18.43 8.26 12.92
CA GLU A 152 19.40 7.85 11.92
C GLU A 152 20.61 7.16 12.49
N MET A 153 21.06 7.59 13.67
CA MET A 153 22.11 6.87 14.35
C MET A 153 21.65 5.44 14.64
N ASP A 154 20.41 5.29 15.10
CA ASP A 154 19.87 3.94 15.31
C ASP A 154 20.05 3.05 14.06
N HIS A 155 19.83 3.61 12.86
CA HIS A 155 20.00 2.81 11.64
C HIS A 155 21.41 2.26 11.53
N LEU A 156 22.40 3.02 11.98
CA LEU A 156 23.79 2.56 11.86
C LEU A 156 24.13 1.47 12.83
N ASN A 157 23.25 1.25 13.82
CA ASN A 157 23.41 0.19 14.80
C ASN A 157 22.42 -0.96 14.57
N GLY A 158 21.74 -0.97 13.44
CA GLY A 158 20.75 -2.01 13.16
C GLY A 158 19.47 -1.92 13.95
N VAL A 159 19.12 -0.69 14.33
CA VAL A 159 17.95 -0.42 15.21
C VAL A 159 16.96 0.39 14.42
N LEU A 160 15.69 -0.05 14.49
CA LEU A 160 14.57 0.58 13.75
C LEU A 160 13.60 1.15 14.77
N PHE A 161 12.87 2.17 14.38
CA PHE A 161 12.09 2.93 15.36
C PHE A 161 10.97 2.11 15.98
N VAL A 162 10.46 1.14 15.23
CA VAL A 162 9.49 0.18 15.75
C VAL A 162 9.99 -0.56 17.00
N ASP A 163 11.31 -0.68 17.14
CA ASP A 163 11.90 -1.38 18.27
C ASP A 163 11.64 -0.61 19.57
N ARG A 164 11.44 0.70 19.44
CA ARG A 164 11.25 1.59 20.61
C ARG A 164 9.75 1.91 20.90
N VAL A 165 8.84 1.32 20.16
CA VAL A 165 7.40 1.61 20.27
C VAL A 165 6.83 0.77 21.39
N GLU A 166 6.24 1.46 22.38
CA GLU A 166 5.77 0.80 23.59
C GLU A 166 4.32 0.25 23.46
N ASN A 167 3.52 0.83 22.58
CA ASN A 167 2.09 0.51 22.49
C ASN A 167 1.88 -0.70 21.57
N ARG A 168 1.58 -1.85 22.16
CA ARG A 168 1.44 -3.09 21.42
C ARG A 168 0.31 -3.07 20.43
N LEU A 169 -0.81 -2.47 20.82
CA LEU A 169 -1.96 -2.38 19.92
C LEU A 169 -1.63 -1.60 18.67
N GLU A 170 -1.04 -0.42 18.88
CA GLU A 170 -0.76 0.47 17.77
C GLU A 170 0.33 -0.10 16.90
N LEU A 171 1.37 -0.69 17.51
CA LEU A 171 2.43 -1.32 16.73
C LEU A 171 1.90 -2.42 15.83
N ASN A 172 1.09 -3.30 16.39
CA ASN A 172 0.64 -4.44 15.64
C ASN A 172 -0.29 -4.03 14.50
N GLU A 173 -1.21 -3.12 14.79
CA GLU A 173 -2.17 -2.64 13.81
C GLU A 173 -1.50 -1.92 12.69
N ALA A 174 -0.47 -1.14 13.00
CA ALA A 174 0.13 -0.35 11.94
C ALA A 174 1.01 -1.19 11.03
N LEU A 175 1.73 -2.16 11.59
CA LEU A 175 2.55 -3.04 10.78
C LEU A 175 1.66 -3.93 9.91
N ASP A 176 0.66 -4.50 10.51
CA ASP A 176 -0.14 -5.51 9.79
C ASP A 176 -0.76 -4.95 8.55
N LYS A 177 -1.29 -3.73 8.64
CA LYS A 177 -1.95 -3.15 7.49
C LYS A 177 -1.01 -2.81 6.34
N LYS A 178 0.30 -2.76 6.57
CA LYS A 178 1.29 -2.47 5.51
C LYS A 178 2.07 -3.68 5.09
N GLY A 179 1.71 -4.84 5.63
CA GLY A 179 2.33 -6.06 5.16
C GLY A 179 3.62 -6.35 5.86
N PHE A 180 3.85 -5.62 6.97
CA PHE A 180 5.00 -5.85 7.76
C PHE A 180 4.69 -6.81 8.88
N ALA A 181 5.74 -7.42 9.39
CA ALA A 181 5.63 -8.44 10.42
C ALA A 181 6.12 -7.95 11.78
N VAL A 182 5.28 -8.08 12.80
CA VAL A 182 5.71 -7.75 14.19
C VAL A 182 6.91 -8.58 14.58
N GLN A 183 7.04 -9.78 13.99
CA GLN A 183 8.21 -10.61 14.26
C GLN A 183 9.52 -9.99 13.81
N ALA A 184 9.44 -8.98 12.93
CA ALA A 184 10.63 -8.27 12.49
C ALA A 184 11.15 -7.21 13.43
N VAL A 185 10.38 -6.90 14.46
CA VAL A 185 10.73 -5.93 15.48
C VAL A 185 11.80 -6.58 16.39
N ARG A 186 12.68 -5.78 16.99
CA ARG A 186 13.74 -6.30 17.86
C ARG A 186 13.69 -5.52 19.15
N PRO A 187 14.06 -6.17 20.27
CA PRO A 187 14.15 -5.39 21.50
C PRO A 187 15.28 -4.37 21.51
N VAL A 188 15.12 -3.39 22.40
CA VAL A 188 16.07 -2.31 22.66
C VAL A 188 17.13 -2.85 23.57
N ALA A 189 18.39 -2.77 23.15
CA ALA A 189 19.55 -3.21 23.94
C ALA A 189 19.60 -2.56 25.34
N ALA B 4 10.50 36.26 -3.36
CA ALA B 4 9.73 35.21 -2.61
C ALA B 4 8.39 34.93 -3.29
N VAL B 5 8.15 33.65 -3.62
CA VAL B 5 6.86 33.19 -4.16
C VAL B 5 5.75 33.49 -3.16
N ALA B 6 4.60 33.94 -3.66
CA ALA B 6 3.46 34.25 -2.82
C ALA B 6 2.29 33.41 -3.29
N ILE B 7 1.49 32.92 -2.35
CA ILE B 7 0.26 32.17 -2.67
C ILE B 7 -0.88 33.19 -2.62
N ARG B 8 -1.56 33.36 -3.76
CA ARG B 8 -2.71 34.25 -3.83
CA ARG B 8 -2.68 34.29 -3.93
C ARG B 8 -3.76 33.57 -4.72
N VAL B 9 -4.83 33.12 -4.06
CA VAL B 9 -5.91 32.34 -4.65
C VAL B 9 -7.23 33.14 -4.56
N ALA B 10 -7.89 33.28 -5.69
CA ALA B 10 -9.22 33.88 -5.75
C ALA B 10 -10.21 33.01 -5.00
N LYS B 11 -11.24 33.63 -4.40
CA LYS B 11 -12.18 32.89 -3.53
C LYS B 11 -13.45 32.39 -4.24
N LYS B 12 -13.47 32.50 -5.58
CA LYS B 12 -14.60 32.10 -6.42
C LYS B 12 -14.95 30.61 -6.25
N LYS B 13 -16.25 30.34 -6.22
CA LYS B 13 -16.81 28.96 -6.16
C LYS B 13 -16.71 28.31 -7.54
N LEU B 14 -15.60 27.60 -7.84
CA LEU B 14 -15.41 26.94 -9.13
C LEU B 14 -16.42 25.83 -9.39
N ALA B 15 -16.77 25.65 -10.66
CA ALA B 15 -17.65 24.57 -11.08
C ALA B 15 -16.95 23.19 -11.06
N LYS B 16 -15.64 23.15 -11.36
CA LYS B 16 -14.82 21.93 -11.21
C LYS B 16 -13.69 22.12 -10.15
N PRO B 17 -13.81 21.53 -8.95
CA PRO B 17 -12.64 21.59 -8.02
C PRO B 17 -11.43 20.82 -8.58
N PRO B 18 -10.18 21.29 -8.39
CA PRO B 18 -9.00 20.58 -8.93
C PRO B 18 -8.65 19.30 -8.20
N LEU B 19 -9.12 19.17 -6.95
CA LEU B 19 -8.87 17.98 -6.14
C LEU B 19 -10.21 17.35 -5.80
N ASP B 20 -10.18 16.04 -5.57
CA ASP B 20 -11.35 15.29 -5.23
C ASP B 20 -11.46 15.08 -3.71
N LEU B 21 -12.59 15.50 -3.16
CA LEU B 21 -12.88 15.25 -1.75
C LEU B 21 -13.17 13.77 -1.51
N HIS B 22 -12.90 13.36 -0.29
CA HIS B 22 -13.25 12.04 0.23
C HIS B 22 -14.20 12.20 1.38
N TYR B 23 -15.10 11.21 1.52
CA TYR B 23 -16.26 11.37 2.34
C TYR B 23 -16.34 10.29 3.41
N LEU B 24 -17.05 10.64 4.48
CA LEU B 24 -17.28 9.75 5.63
C LEU B 24 -17.59 8.33 5.18
N GLY B 25 -16.79 7.40 5.69
CA GLY B 25 -16.78 5.99 5.26
C GLY B 25 -15.42 5.64 4.66
N ASP B 26 -14.87 6.58 3.89
CA ASP B 26 -13.56 6.35 3.24
C ASP B 26 -12.47 6.25 4.28
N ARG B 27 -11.63 5.22 4.22
CA ARG B 27 -10.59 5.00 5.20
C ARG B 27 -9.52 6.10 5.21
N VAL B 28 -9.36 6.80 4.10
CA VAL B 28 -8.36 7.89 4.03
C VAL B 28 -8.58 8.92 5.12
N LEU B 29 -9.82 9.10 5.55
CA LEU B 29 -10.12 10.05 6.62
C LEU B 29 -9.83 9.56 8.00
N ARG B 30 -9.32 8.33 8.14
CA ARG B 30 -9.03 7.75 9.45
C ARG B 30 -7.55 7.47 9.70
N GLN B 31 -6.68 7.99 8.84
CA GLN B 31 -5.23 7.67 8.94
C GLN B 31 -4.45 8.73 9.77
N PRO B 32 -3.29 8.38 10.33
CA PRO B 32 -2.46 9.46 10.91
C PRO B 32 -1.81 10.23 9.73
N ALA B 33 -1.59 11.53 9.88
CA ALA B 33 -1.03 12.33 8.77
C ALA B 33 0.46 12.46 9.02
N LYS B 34 1.27 12.31 7.97
CA LYS B 34 2.72 12.43 8.15
C LYS B 34 3.11 13.91 8.12
N ARG B 35 4.21 14.26 8.76
CA ARG B 35 4.70 15.63 8.67
C ARG B 35 5.04 15.98 7.22
N VAL B 36 4.90 17.26 6.94
CA VAL B 36 5.42 17.86 5.72
C VAL B 36 6.96 17.95 5.83
N SER B 37 7.67 17.43 4.83
CA SER B 37 9.13 17.38 4.86
C SER B 37 9.72 18.66 4.42
N ARG B 38 9.15 19.29 3.39
CA ARG B 38 9.67 20.54 2.89
C ARG B 38 8.64 21.30 2.09
N ILE B 39 8.90 22.58 1.90
CA ILE B 39 8.04 23.40 1.03
C ILE B 39 8.68 23.54 -0.32
N ASP B 40 8.06 22.95 -1.33
CA ASP B 40 8.56 22.96 -2.69
C ASP B 40 7.40 23.36 -3.64
N ASP B 41 7.66 23.47 -4.94
CA ASP B 41 6.62 23.84 -5.89
C ASP B 41 5.44 22.88 -5.83
N GLU B 42 5.69 21.59 -5.61
CA GLU B 42 4.61 20.63 -5.49
C GLU B 42 3.71 21.02 -4.29
N LEU B 43 4.32 21.36 -3.15
CA LEU B 43 3.51 21.70 -1.97
C LEU B 43 2.73 22.99 -2.19
N ARG B 44 3.35 24.00 -2.80
CA ARG B 44 2.65 25.24 -3.12
C ARG B 44 1.47 25.04 -4.05
N GLN B 45 1.61 24.14 -5.03
CA GLN B 45 0.48 23.78 -5.88
C GLN B 45 -0.64 23.07 -5.08
N THR B 46 -0.27 22.21 -4.15
CA THR B 46 -1.23 21.55 -3.29
C THR B 46 -1.98 22.60 -2.44
N ILE B 47 -1.27 23.58 -1.89
CA ILE B 47 -1.90 24.63 -1.06
C ILE B 47 -2.90 25.38 -1.93
N ARG B 48 -2.50 25.78 -3.11
CA ARG B 48 -3.44 26.51 -3.99
C ARG B 48 -4.66 25.66 -4.34
N GLN B 49 -4.42 24.41 -4.68
CA GLN B 49 -5.46 23.51 -5.13
C GLN B 49 -6.39 23.17 -3.96
N MET B 50 -5.83 23.00 -2.76
CA MET B 50 -6.68 22.87 -1.55
C MET B 50 -7.59 24.07 -1.34
N LEU B 51 -7.02 25.26 -1.41
CA LEU B 51 -7.88 26.48 -1.27
C LEU B 51 -8.99 26.48 -2.33
N GLN B 52 -8.61 26.22 -3.58
CA GLN B 52 -9.61 26.25 -4.66
C GLN B 52 -10.71 25.20 -4.42
N THR B 53 -10.29 24.05 -3.93
CA THR B 53 -11.25 22.99 -3.67
C THR B 53 -12.16 23.40 -2.51
N MET B 54 -11.59 24.02 -1.49
CA MET B 54 -12.38 24.39 -0.32
C MET B 54 -13.41 25.50 -0.76
N TYR B 55 -12.93 26.47 -1.51
CA TYR B 55 -13.84 27.54 -1.97
C TYR B 55 -14.96 27.00 -2.85
N SER B 56 -14.64 25.99 -3.66
CA SER B 56 -15.61 25.43 -4.60
C SER B 56 -16.77 24.77 -3.92
N ALA B 57 -16.55 24.33 -2.67
CA ALA B 57 -17.60 23.72 -1.85
C ALA B 57 -18.04 24.56 -0.65
N ASP B 58 -17.70 25.84 -0.67
CA ASP B 58 -18.08 26.82 0.38
C ASP B 58 -17.61 26.46 1.79
N GLY B 59 -16.47 25.79 1.83
CA GLY B 59 -15.82 25.43 3.04
C GLY B 59 -15.10 26.57 3.69
N ILE B 60 -14.92 26.45 4.99
CA ILE B 60 -14.11 27.41 5.78
C ILE B 60 -12.79 26.80 6.26
N GLY B 61 -12.66 25.50 6.14
CA GLY B 61 -11.41 24.81 6.41
C GLY B 61 -11.28 23.62 5.54
N LEU B 62 -10.03 23.16 5.38
CA LEU B 62 -9.78 21.91 4.65
C LEU B 62 -8.44 21.37 5.13
N ALA B 63 -8.40 20.09 5.47
CA ALA B 63 -7.16 19.38 5.82
C ALA B 63 -6.77 18.42 4.72
N ALA B 64 -5.48 18.32 4.47
CA ALA B 64 -5.01 17.53 3.34
C ALA B 64 -5.56 16.10 3.20
N PRO B 65 -5.67 15.37 4.32
CA PRO B 65 -6.30 14.01 4.19
C PRO B 65 -7.68 13.97 3.53
N GLN B 66 -8.41 15.06 3.61
CA GLN B 66 -9.73 15.14 2.99
C GLN B 66 -9.65 15.12 1.50
N VAL B 67 -8.52 15.45 0.93
CA VAL B 67 -8.32 15.35 -0.53
C VAL B 67 -7.32 14.26 -0.86
N GLY B 68 -7.15 13.32 0.07
CA GLY B 68 -6.36 12.14 -0.15
C GLY B 68 -4.88 12.30 -0.05
N ILE B 69 -4.44 13.38 0.59
CA ILE B 69 -3.01 13.73 0.79
C ILE B 69 -2.71 13.59 2.28
N ASN B 70 -1.85 12.63 2.61
CA ASN B 70 -1.70 12.25 4.02
CA ASN B 70 -1.63 12.19 3.96
C ASN B 70 -0.64 13.07 4.74
N LYS B 71 -0.78 14.40 4.65
CA LYS B 71 0.19 15.35 5.18
C LYS B 71 -0.48 16.26 6.21
N GLN B 72 0.33 16.74 7.14
CA GLN B 72 -0.07 17.71 8.18
C GLN B 72 -0.11 19.15 7.63
N LEU B 73 -1.14 19.37 6.83
CA LEU B 73 -1.34 20.58 6.07
C LEU B 73 -2.80 20.95 6.10
N ILE B 74 -3.08 22.19 6.52
CA ILE B 74 -4.43 22.70 6.69
C ILE B 74 -4.52 24.07 6.08
N VAL B 75 -5.64 24.34 5.40
CA VAL B 75 -5.94 25.70 4.95
C VAL B 75 -7.27 26.14 5.61
N ILE B 76 -7.34 27.40 6.04
CA ILE B 76 -8.55 27.93 6.70
C ILE B 76 -8.85 29.31 6.15
N ASP B 77 -10.13 29.60 5.92
CA ASP B 77 -10.54 30.95 5.53
C ASP B 77 -11.99 31.14 5.97
N LEU B 78 -12.19 31.95 6.98
CA LEU B 78 -13.56 32.20 7.47
C LEU B 78 -14.29 33.27 6.68
N GLU B 79 -13.60 33.96 5.77
CA GLU B 79 -14.18 35.14 5.07
C GLU B 79 -14.19 34.96 3.57
N LEU B 80 -15.08 34.07 3.12
CA LEU B 80 -15.20 33.72 1.72
C LEU B 80 -15.53 34.87 0.79
N GLU B 81 -16.21 35.89 1.32
CA GLU B 81 -16.64 37.01 0.49
C GLU B 81 -15.89 38.32 0.81
N ASP B 82 -14.79 38.20 1.52
CA ASP B 82 -13.88 39.34 1.74
C ASP B 82 -12.64 39.01 0.98
N GLU B 83 -12.54 39.54 -0.21
CA GLU B 83 -11.46 39.16 -1.07
C GLU B 83 -10.11 39.79 -0.62
N GLN B 84 -10.10 40.68 0.38
CA GLN B 84 -8.85 41.19 0.94
C GLN B 84 -8.24 40.40 2.10
N ALA B 85 -9.04 39.56 2.75
CA ALA B 85 -8.60 38.84 3.96
C ALA B 85 -7.84 37.60 3.50
N PRO B 86 -6.55 37.44 3.90
CA PRO B 86 -5.81 36.25 3.54
C PRO B 86 -6.28 34.99 4.25
N PRO B 87 -6.11 33.83 3.57
CA PRO B 87 -6.33 32.57 4.27
C PRO B 87 -5.18 32.24 5.19
N LEU B 88 -5.43 31.33 6.12
CA LEU B 88 -4.45 30.86 7.08
C LEU B 88 -3.98 29.49 6.60
N VAL B 89 -2.65 29.30 6.53
CA VAL B 89 -2.07 28.03 6.07
C VAL B 89 -1.24 27.50 7.23
N LEU B 90 -1.56 26.27 7.64
CA LEU B 90 -0.89 25.64 8.81
C LEU B 90 -0.14 24.42 8.28
N ILE B 91 1.19 24.45 8.44
CA ILE B 91 2.04 23.30 8.13
C ILE B 91 2.62 22.76 9.43
N ASN B 92 2.54 21.46 9.61
CA ASN B 92 3.00 20.79 10.83
C ASN B 92 2.54 21.46 12.15
N PRO B 93 1.25 21.83 12.24
CA PRO B 93 0.80 22.50 13.46
C PRO B 93 0.82 21.63 14.70
N LYS B 94 0.88 22.30 15.85
CA LYS B 94 0.74 21.66 17.15
C LYS B 94 -0.15 22.52 18.00
N ILE B 95 -1.11 21.92 18.66
CA ILE B 95 -1.85 22.61 19.73
C ILE B 95 -0.97 22.70 20.96
N GLU B 96 -0.68 23.92 21.38
CA GLU B 96 0.11 24.18 22.57
C GLU B 96 -0.75 24.12 23.81
N ARG B 97 -1.99 24.60 23.70
CA ARG B 97 -2.93 24.64 24.81
C ARG B 97 -4.29 25.01 24.30
N THR B 98 -5.29 24.61 25.09
CA THR B 98 -6.67 25.13 24.93
C THR B 98 -7.06 25.79 26.24
N ALA B 99 -8.09 26.64 26.17
CA ALA B 99 -8.48 27.48 27.28
C ALA B 99 -9.89 28.00 27.09
N GLY B 100 -10.29 28.87 27.99
CA GLY B 100 -11.58 29.53 27.95
C GLY B 100 -12.73 28.64 28.35
N ASP B 101 -13.94 29.05 28.03
CA ASP B 101 -15.13 28.30 28.35
C ASP B 101 -15.28 27.07 27.43
N LEU B 102 -16.23 26.19 27.75
CA LEU B 102 -16.67 25.17 26.79
C LEU B 102 -17.84 25.75 26.04
N GLU B 103 -17.79 25.66 24.71
CA GLU B 103 -18.78 26.24 23.84
C GLU B 103 -19.33 25.20 22.86
N GLN B 104 -20.64 25.28 22.60
CA GLN B 104 -21.29 24.39 21.63
C GLN B 104 -21.72 25.23 20.43
N CYS B 105 -21.44 24.77 19.22
CA CYS B 105 -21.88 25.45 18.01
CA CYS B 105 -21.91 25.45 18.00
C CYS B 105 -22.07 24.36 16.96
N GLN B 106 -22.90 24.66 15.98
CA GLN B 106 -23.13 23.77 14.83
C GLN B 106 -21.89 23.76 13.94
N GLU B 107 -21.48 22.56 13.55
CA GLU B 107 -20.36 22.38 12.61
C GLU B 107 -20.80 21.54 11.44
N GLY B 108 -20.18 21.84 10.30
CA GLY B 108 -20.18 20.98 9.15
C GLY B 108 -18.79 20.60 8.76
N CYS B 109 -18.72 19.88 7.66
CA CYS B 109 -17.44 19.38 7.14
C CYS B 109 -17.61 19.07 5.65
N LEU B 110 -16.67 19.47 4.81
CA LEU B 110 -16.72 19.09 3.41
C LEU B 110 -16.66 17.60 3.15
N SER B 111 -16.12 16.82 4.08
CA SER B 111 -16.15 15.35 3.93
C SER B 111 -17.45 14.74 4.38
N ILE B 112 -18.36 15.52 4.94
CA ILE B 112 -19.68 15.02 5.39
C ILE B 112 -20.77 15.97 4.93
N PRO B 113 -20.91 16.10 3.58
CA PRO B 113 -21.80 17.07 3.04
C PRO B 113 -23.25 16.88 3.49
N GLY B 114 -23.85 18.00 3.87
CA GLY B 114 -25.24 18.02 4.27
C GLY B 114 -25.52 17.80 5.74
N VAL B 115 -24.50 17.45 6.53
CA VAL B 115 -24.69 17.12 7.91
C VAL B 115 -24.14 18.25 8.78
N TYR B 116 -24.96 18.77 9.67
CA TYR B 116 -24.59 19.87 10.51
C TYR B 116 -25.14 19.60 11.89
N LEU B 117 -24.23 19.57 12.87
CA LEU B 117 -24.54 19.12 14.19
C LEU B 117 -23.74 19.86 15.24
N ASP B 118 -24.24 19.91 16.45
CA ASP B 118 -23.57 20.65 17.52
C ASP B 118 -22.38 19.88 18.04
N VAL B 119 -21.29 20.61 18.28
CA VAL B 119 -20.06 20.05 18.85
C VAL B 119 -19.60 21.00 19.97
N GLU B 120 -19.25 20.43 21.12
CA GLU B 120 -18.69 21.18 22.23
C GLU B 120 -17.17 21.19 22.11
N ARG B 121 -16.58 22.39 22.20
CA ARG B 121 -15.09 22.49 22.19
C ARG B 121 -14.65 23.60 23.07
N PRO B 122 -13.37 23.61 23.49
CA PRO B 122 -12.80 24.79 24.16
C PRO B 122 -12.91 26.04 23.27
N GLU B 123 -13.16 27.15 23.95
CA GLU B 123 -13.28 28.49 23.37
C GLU B 123 -11.99 28.93 22.71
N ILE B 124 -10.87 28.69 23.37
CA ILE B 124 -9.59 29.24 22.98
C ILE B 124 -8.68 28.13 22.59
N VAL B 125 -7.92 28.33 21.51
CA VAL B 125 -6.81 27.41 21.16
C VAL B 125 -5.54 28.21 20.85
N GLU B 126 -4.37 27.72 21.28
CA GLU B 126 -3.12 28.29 20.84
C GLU B 126 -2.43 27.22 20.01
N VAL B 127 -1.99 27.61 18.81
CA VAL B 127 -1.26 26.70 17.94
CA VAL B 127 -1.32 26.72 17.89
C VAL B 127 0.06 27.27 17.48
N SER B 128 1.06 26.41 17.38
CA SER B 128 2.36 26.75 16.81
C SER B 128 2.34 26.04 15.44
N TYR B 129 2.95 26.64 14.44
CA TYR B 129 2.90 26.07 13.12
C TYR B 129 3.97 26.70 12.24
N LYS B 130 4.15 26.15 11.06
CA LYS B 130 4.95 26.81 10.02
CA LYS B 130 4.95 26.81 10.04
C LYS B 130 3.99 27.33 8.99
N ASP B 131 4.22 28.55 8.50
CA ASP B 131 3.41 29.12 7.47
C ASP B 131 3.90 28.69 6.07
N GLU B 132 3.23 29.20 5.05
CA GLU B 132 3.56 28.83 3.67
C GLU B 132 4.99 29.18 3.23
N ASN B 133 5.70 29.99 4.01
CA ASN B 133 7.11 30.32 3.77
C ASN B 133 8.10 29.56 4.65
N GLY B 134 7.58 28.65 5.46
CA GLY B 134 8.43 27.87 6.31
C GLY B 134 8.75 28.58 7.61
N ARG B 135 8.19 29.77 7.82
CA ARG B 135 8.49 30.58 8.99
C ARG B 135 7.65 30.09 10.19
N PRO B 136 8.29 29.91 11.35
CA PRO B 136 7.55 29.53 12.54
C PRO B 136 6.62 30.68 12.94
N GLN B 137 5.42 30.30 13.38
CA GLN B 137 4.40 31.20 13.80
C GLN B 137 3.69 30.62 15.01
N ARG B 138 3.08 31.51 15.78
CA ARG B 138 2.24 31.13 16.92
C ARG B 138 0.96 31.96 16.84
N LEU B 139 -0.18 31.36 17.20
CA LEU B 139 -1.44 32.05 17.16
C LEU B 139 -2.29 31.56 18.31
N VAL B 140 -2.84 32.52 19.05
CA VAL B 140 -3.92 32.29 20.00
C VAL B 140 -5.22 32.83 19.38
N ALA B 141 -6.20 31.94 19.28
CA ALA B 141 -7.46 32.19 18.57
C ALA B 141 -8.64 31.91 19.47
N ASP B 142 -9.76 32.56 19.17
CA ASP B 142 -11.02 32.33 19.82
C ASP B 142 -12.16 32.21 18.79
N GLY B 143 -13.38 32.03 19.27
CA GLY B 143 -14.56 32.07 18.39
C GLY B 143 -14.50 31.00 17.32
N LEU B 144 -15.05 31.37 16.19
CA LEU B 144 -15.13 30.48 15.06
C LEU B 144 -13.73 30.04 14.56
N LEU B 145 -12.74 30.94 14.66
CA LEU B 145 -11.44 30.65 14.20
C LEU B 145 -10.86 29.53 15.04
N ALA B 146 -11.00 29.61 16.36
CA ALA B 146 -10.47 28.54 17.22
C ALA B 146 -11.17 27.20 16.96
N ARG B 147 -12.49 27.29 16.72
CA ARG B 147 -13.30 26.09 16.48
C ARG B 147 -12.81 25.42 15.17
N CYS B 148 -12.60 26.23 14.15
CA CYS B 148 -12.15 25.71 12.87
CA CYS B 148 -12.11 25.72 12.86
C CYS B 148 -10.75 25.09 12.98
N ILE B 149 -9.84 25.74 13.69
CA ILE B 149 -8.53 25.19 13.92
C ILE B 149 -8.62 23.82 14.60
N GLN B 150 -9.41 23.72 15.65
CA GLN B 150 -9.58 22.44 16.34
C GLN B 150 -10.19 21.35 15.50
N HIS B 151 -11.21 21.71 14.74
CA HIS B 151 -11.85 20.78 13.80
C HIS B 151 -10.81 20.27 12.79
N GLU B 152 -10.07 21.18 12.22
CA GLU B 152 -9.08 20.79 11.21
C GLU B 152 -7.93 19.97 11.80
N MET B 153 -7.48 20.31 13.01
CA MET B 153 -6.44 19.54 13.63
C MET B 153 -6.94 18.11 13.86
N ASP B 154 -8.20 17.95 14.22
CA ASP B 154 -8.77 16.59 14.37
C ASP B 154 -8.57 15.76 13.14
N HIS B 155 -8.70 16.37 11.97
CA HIS B 155 -8.54 15.59 10.74
C HIS B 155 -7.16 14.97 10.59
N LEU B 156 -6.14 15.67 11.11
CA LEU B 156 -4.78 15.18 11.04
C LEU B 156 -4.54 13.98 11.97
N ASN B 157 -5.49 13.74 12.88
CA ASN B 157 -5.46 12.58 13.79
C ASN B 157 -6.54 11.56 13.43
N GLY B 158 -7.15 11.68 12.24
CA GLY B 158 -8.18 10.74 11.81
C GLY B 158 -9.49 10.84 12.56
N VAL B 159 -9.80 12.01 13.10
CA VAL B 159 -11.00 12.29 13.90
C VAL B 159 -11.88 13.23 13.09
N LEU B 160 -13.15 12.85 12.98
CA LEU B 160 -14.18 13.62 12.28
C LEU B 160 -15.18 14.20 13.28
N PHE B 161 -15.84 15.30 12.96
CA PHE B 161 -16.64 15.97 14.00
C PHE B 161 -17.78 15.13 14.53
N VAL B 162 -18.29 14.23 13.68
CA VAL B 162 -19.37 13.31 14.09
C VAL B 162 -18.93 12.42 15.24
N ASP B 163 -17.62 12.18 15.38
CA ASP B 163 -17.09 11.39 16.47
C ASP B 163 -17.24 12.08 17.81
N ARG B 164 -17.52 13.39 17.78
CA ARG B 164 -17.62 14.20 18.98
C ARG B 164 -19.06 14.61 19.33
N VAL B 165 -20.03 14.27 18.47
CA VAL B 165 -21.42 14.65 18.70
C VAL B 165 -21.99 13.75 19.82
N GLU B 166 -22.57 14.41 20.82
CA GLU B 166 -22.98 13.79 22.07
C GLU B 166 -24.29 13.02 21.90
N ASN B 167 -25.24 13.60 21.17
CA ASN B 167 -26.59 13.01 21.09
C ASN B 167 -26.60 12.03 19.93
N ARG B 168 -26.51 10.76 20.25
CA ARG B 168 -26.38 9.75 19.22
C ARG B 168 -27.61 9.60 18.32
N LEU B 169 -28.77 9.77 18.88
CA LEU B 169 -29.99 9.79 18.11
C LEU B 169 -29.97 10.88 17.07
N GLU B 170 -29.64 12.09 17.48
CA GLU B 170 -29.63 13.20 16.50
C GLU B 170 -28.53 13.00 15.43
N LEU B 171 -27.37 12.48 15.84
CA LEU B 171 -26.32 12.13 14.89
C LEU B 171 -26.81 11.12 13.88
N ASN B 172 -27.40 10.03 14.36
CA ASN B 172 -27.88 8.99 13.47
C ASN B 172 -28.94 9.47 12.53
N GLU B 173 -29.88 10.27 13.03
CA GLU B 173 -30.92 10.83 12.16
C GLU B 173 -30.29 11.64 11.05
N ALA B 174 -29.31 12.46 11.38
CA ALA B 174 -28.73 13.36 10.40
C ALA B 174 -27.95 12.55 9.32
N LEU B 175 -27.22 11.55 9.75
CA LEU B 175 -26.43 10.72 8.83
C LEU B 175 -27.37 9.94 7.91
N ASP B 176 -28.38 9.32 8.50
CA ASP B 176 -29.34 8.55 7.68
C ASP B 176 -29.99 9.37 6.60
N LYS B 177 -30.47 10.56 6.96
CA LYS B 177 -31.12 11.48 6.03
C LYS B 177 -30.22 11.92 4.88
N LYS B 178 -28.92 11.97 5.13
CA LYS B 178 -27.98 12.36 4.06
C LYS B 178 -27.29 11.18 3.38
N GLY B 179 -27.70 9.95 3.71
CA GLY B 179 -27.14 8.78 3.08
C GLY B 179 -25.79 8.27 3.56
N PHE B 180 -25.41 8.65 4.77
CA PHE B 180 -24.18 8.17 5.36
C PHE B 180 -24.41 7.05 6.36
N ALA B 181 -23.38 6.26 6.59
CA ALA B 181 -23.48 5.10 7.46
C ALA B 181 -23.17 5.47 8.90
N VAL B 182 -24.11 5.19 9.82
CA VAL B 182 -23.92 5.37 11.24
C VAL B 182 -22.69 4.56 11.67
N GLN B 183 -22.40 3.45 10.95
CA GLN B 183 -21.26 2.57 11.28
C GLN B 183 -19.88 3.18 11.09
N ALA B 184 -19.85 4.26 10.32
CA ALA B 184 -18.60 4.96 9.96
C ALA B 184 -18.10 5.87 11.07
N VAL B 185 -18.94 6.15 12.06
CA VAL B 185 -18.56 7.05 13.16
C VAL B 185 -17.64 6.28 14.12
N ARG B 186 -16.70 6.98 14.71
CA ARG B 186 -15.79 6.40 15.70
C ARG B 186 -15.86 7.28 16.95
N PRO B 187 -16.88 7.10 17.77
CA PRO B 187 -17.07 8.04 18.86
C PRO B 187 -15.85 8.08 19.77
N VAL B 188 -15.45 9.29 20.14
CA VAL B 188 -14.36 9.43 21.11
C VAL B 188 -14.74 10.40 22.19
N ALA B 189 -14.02 10.33 23.30
CA ALA B 189 -14.14 11.32 24.38
C ALA B 189 -13.55 12.68 23.97
N ALA B 190 -14.06 13.72 24.65
CA ALA B 190 -13.76 15.12 24.39
C ALA B 190 -12.29 15.51 24.70
N ALA C 4 -19.18 -3.86 -33.23
CA ALA C 4 -20.47 -4.04 -33.98
C ALA C 4 -21.16 -5.42 -33.82
N VAL C 5 -20.44 -6.48 -33.48
CA VAL C 5 -21.04 -7.73 -32.95
C VAL C 5 -20.73 -7.71 -31.45
N ALA C 6 -19.47 -7.38 -31.15
CA ALA C 6 -18.96 -7.45 -29.84
C ALA C 6 -17.87 -6.35 -29.71
N ILE C 7 -18.10 -5.47 -28.74
CA ILE C 7 -17.15 -4.45 -28.36
C ILE C 7 -15.92 -5.15 -27.74
N ARG C 8 -14.75 -4.65 -28.10
CA ARG C 8 -13.50 -5.14 -27.51
C ARG C 8 -12.56 -3.99 -27.26
N VAL C 9 -11.74 -4.07 -26.21
CA VAL C 9 -10.65 -3.10 -26.06
C VAL C 9 -9.33 -3.79 -25.90
N ALA C 10 -8.27 -3.04 -26.14
CA ALA C 10 -6.93 -3.54 -25.95
C ALA C 10 -6.74 -3.89 -24.49
N LYS C 11 -6.24 -5.08 -24.20
CA LYS C 11 -6.18 -5.56 -22.83
C LYS C 11 -4.92 -5.24 -22.06
N LYS C 12 -4.65 -3.94 -21.95
CA LYS C 12 -3.35 -3.39 -21.60
C LYS C 12 -3.52 -2.62 -20.31
N LYS C 13 -2.47 -2.57 -19.52
CA LYS C 13 -2.49 -1.75 -18.32
C LYS C 13 -2.15 -0.31 -18.72
N LEU C 14 -2.97 0.61 -18.23
CA LEU C 14 -2.75 2.04 -18.39
C LEU C 14 -2.15 2.60 -17.10
N ALA C 15 -1.21 3.51 -17.26
CA ALA C 15 -0.64 4.22 -16.13
C ALA C 15 -1.71 5.08 -15.47
N LYS C 16 -2.67 5.55 -16.26
CA LYS C 16 -3.77 6.38 -15.78
C LYS C 16 -5.09 5.76 -16.27
N PRO C 17 -5.69 4.89 -15.43
CA PRO C 17 -6.98 4.31 -15.80
C PRO C 17 -8.01 5.41 -15.93
N PRO C 18 -8.98 5.23 -16.85
CA PRO C 18 -9.83 6.38 -17.13
C PRO C 18 -10.89 6.63 -16.07
N LEU C 19 -11.20 5.62 -15.25
CA LEU C 19 -12.19 5.78 -14.22
C LEU C 19 -11.52 5.43 -12.89
N ASP C 20 -12.07 5.96 -11.80
CA ASP C 20 -11.52 5.81 -10.45
C ASP C 20 -12.35 4.77 -9.68
N LEU C 21 -11.66 3.74 -9.21
CA LEU C 21 -12.23 2.74 -8.30
C LEU C 21 -12.55 3.39 -6.96
N HIS C 22 -13.59 2.85 -6.36
CA HIS C 22 -13.99 3.15 -5.00
C HIS C 22 -13.83 1.90 -4.16
N TYR C 23 -13.56 2.07 -2.87
CA TYR C 23 -13.10 0.98 -2.00
C TYR C 23 -13.95 0.82 -0.76
N LEU C 24 -13.96 -0.40 -0.21
CA LEU C 24 -14.72 -0.78 0.98
C LEU C 24 -14.69 0.35 2.04
N GLY C 25 -15.88 0.83 2.43
CA GLY C 25 -16.01 1.96 3.32
C GLY C 25 -16.76 3.06 2.59
N ASP C 26 -16.46 3.22 1.31
CA ASP C 26 -17.13 4.24 0.48
C ASP C 26 -18.61 3.91 0.30
N ARG C 27 -19.49 4.86 0.59
CA ARG C 27 -20.91 4.61 0.56
C ARG C 27 -21.44 4.30 -0.85
N VAL C 28 -20.68 4.66 -1.90
CA VAL C 28 -21.17 4.42 -3.26
C VAL C 28 -21.28 2.95 -3.57
N LEU C 29 -20.55 2.13 -2.81
CA LEU C 29 -20.57 0.69 -3.00
C LEU C 29 -21.78 0.06 -2.36
N ARG C 30 -22.60 0.85 -1.65
CA ARG C 30 -23.76 0.35 -0.96
C ARG C 30 -25.08 0.82 -1.57
N GLN C 31 -25.02 1.48 -2.72
CA GLN C 31 -26.20 2.12 -3.35
C GLN C 31 -26.74 1.25 -4.44
N PRO C 32 -28.05 0.93 -4.42
CA PRO C 32 -28.63 0.14 -5.48
C PRO C 32 -28.55 0.84 -6.84
N ALA C 33 -28.09 0.11 -7.85
CA ALA C 33 -27.87 0.71 -9.17
C ALA C 33 -29.17 0.95 -9.89
N LYS C 34 -29.21 2.06 -10.62
CA LYS C 34 -30.40 2.42 -11.40
C LYS C 34 -30.35 1.78 -12.78
N ARG C 35 -31.52 1.49 -13.34
CA ARG C 35 -31.65 0.95 -14.67
C ARG C 35 -31.01 1.85 -15.71
N VAL C 36 -30.40 1.19 -16.71
CA VAL C 36 -29.91 1.88 -17.86
C VAL C 36 -31.07 2.09 -18.85
N SER C 37 -31.45 3.35 -19.07
CA SER C 37 -32.58 3.59 -19.95
C SER C 37 -32.13 3.97 -21.39
N ARG C 38 -30.86 4.31 -21.55
CA ARG C 38 -30.23 4.59 -22.89
C ARG C 38 -29.01 3.75 -23.23
N ILE C 39 -29.14 2.84 -24.19
CA ILE C 39 -27.98 2.06 -24.63
C ILE C 39 -27.48 2.65 -25.95
N ASP C 40 -26.59 3.62 -25.80
CA ASP C 40 -26.17 4.48 -26.90
C ASP C 40 -24.65 4.67 -26.97
N ASP C 41 -24.19 5.55 -27.83
CA ASP C 41 -22.74 5.75 -28.05
C ASP C 41 -22.03 6.16 -26.79
N GLU C 42 -22.70 6.99 -25.99
CA GLU C 42 -22.17 7.47 -24.74
C GLU C 42 -21.95 6.29 -23.79
N LEU C 43 -22.93 5.38 -23.74
CA LEU C 43 -22.81 4.26 -22.84
C LEU C 43 -21.67 3.35 -23.31
N ARG C 44 -21.56 3.16 -24.63
CA ARG C 44 -20.52 2.26 -25.15
C ARG C 44 -19.14 2.82 -24.86
N GLN C 45 -18.99 4.13 -24.85
CA GLN C 45 -17.71 4.74 -24.37
C GLN C 45 -17.41 4.41 -22.90
N THR C 46 -18.40 4.51 -22.04
CA THR C 46 -18.26 4.13 -20.65
C THR C 46 -17.90 2.65 -20.51
N ILE C 47 -18.53 1.80 -21.30
CA ILE C 47 -18.14 0.36 -21.33
C ILE C 47 -16.68 0.19 -21.65
N ARG C 48 -16.19 0.88 -22.68
CA ARG C 48 -14.75 0.81 -23.00
C ARG C 48 -13.87 1.24 -21.83
N GLN C 49 -14.26 2.33 -21.18
CA GLN C 49 -13.50 2.85 -20.04
C GLN C 49 -13.54 1.89 -18.87
N MET C 50 -14.69 1.24 -18.67
CA MET C 50 -14.81 0.25 -17.61
C MET C 50 -13.84 -0.92 -17.87
N LEU C 51 -13.84 -1.42 -19.12
CA LEU C 51 -12.93 -2.50 -19.49
C LEU C 51 -11.51 -2.09 -19.26
N GLN C 52 -11.14 -0.86 -19.70
CA GLN C 52 -9.76 -0.41 -19.50
C GLN C 52 -9.36 -0.31 -18.02
N THR C 53 -10.26 0.21 -17.23
CA THR C 53 -10.06 0.27 -15.78
C THR C 53 -9.90 -1.10 -15.13
N MET C 54 -10.75 -2.04 -15.51
CA MET C 54 -10.65 -3.43 -15.08
C MET C 54 -9.32 -4.06 -15.47
N TYR C 55 -8.90 -3.92 -16.72
CA TYR C 55 -7.59 -4.50 -17.13
C TYR C 55 -6.46 -3.82 -16.35
N SER C 56 -6.56 -2.52 -16.15
CA SER C 56 -5.51 -1.73 -15.43
C SER C 56 -5.27 -2.23 -13.99
N ALA C 57 -6.32 -2.74 -13.37
CA ALA C 57 -6.26 -3.23 -12.00
C ALA C 57 -6.15 -4.77 -11.91
N ASP C 58 -5.85 -5.42 -13.04
CA ASP C 58 -5.69 -6.88 -13.11
C ASP C 58 -6.96 -7.64 -12.70
N GLY C 59 -8.12 -7.11 -13.09
CA GLY C 59 -9.37 -7.73 -12.74
C GLY C 59 -10.04 -8.57 -13.81
N ILE C 60 -11.04 -9.31 -13.38
CA ILE C 60 -11.85 -10.12 -14.28
C ILE C 60 -13.30 -9.71 -14.36
N GLY C 61 -13.71 -8.84 -13.44
CA GLY C 61 -15.06 -8.27 -13.54
C GLY C 61 -15.08 -6.91 -12.90
N LEU C 62 -16.03 -6.11 -13.33
CA LEU C 62 -16.23 -4.77 -12.81
C LEU C 62 -17.68 -4.36 -13.00
N ALA C 63 -18.28 -3.83 -11.94
CA ALA C 63 -19.63 -3.31 -11.97
C ALA C 63 -19.60 -1.81 -11.90
N ALA C 64 -20.49 -1.12 -12.64
CA ALA C 64 -20.43 0.32 -12.72
C ALA C 64 -20.36 1.06 -11.35
N PRO C 65 -21.11 0.60 -10.34
CA PRO C 65 -20.98 1.32 -9.04
C PRO C 65 -19.59 1.35 -8.42
N GLN C 66 -18.73 0.40 -8.74
CA GLN C 66 -17.37 0.40 -8.26
C GLN C 66 -16.53 1.56 -8.81
N VAL C 67 -16.94 2.15 -9.94
CA VAL C 67 -16.30 3.35 -10.47
C VAL C 67 -17.20 4.56 -10.37
N GLY C 68 -18.15 4.52 -9.42
CA GLY C 68 -18.98 5.67 -9.11
C GLY C 68 -20.06 5.96 -10.09
N ILE C 69 -20.39 5.00 -10.95
CA ILE C 69 -21.45 5.15 -11.95
C ILE C 69 -22.64 4.32 -11.51
N ASN C 70 -23.73 5.00 -11.18
CA ASN C 70 -24.89 4.36 -10.57
C ASN C 70 -25.83 3.72 -11.57
N LYS C 71 -25.30 2.77 -12.33
CA LYS C 71 -26.00 2.10 -13.44
C LYS C 71 -25.86 0.58 -13.34
N GLN C 72 -26.89 -0.12 -13.84
CA GLN C 72 -26.94 -1.58 -13.87
C GLN C 72 -26.14 -2.06 -15.06
N LEU C 73 -24.84 -2.08 -14.88
CA LEU C 73 -23.89 -2.31 -15.99
C LEU C 73 -22.68 -3.04 -15.43
N ILE C 74 -22.36 -4.18 -16.01
CA ILE C 74 -21.25 -5.05 -15.59
C ILE C 74 -20.44 -5.46 -16.82
N VAL C 75 -19.13 -5.53 -16.68
CA VAL C 75 -18.23 -6.13 -17.68
C VAL C 75 -17.42 -7.25 -17.03
N ILE C 76 -17.27 -8.38 -17.73
CA ILE C 76 -16.56 -9.55 -17.23
C ILE C 76 -15.63 -10.04 -18.33
N ASP C 77 -14.42 -10.42 -17.96
CA ASP C 77 -13.54 -11.03 -18.96
C ASP C 77 -12.58 -11.97 -18.23
N LEU C 78 -12.90 -13.25 -18.24
CA LEU C 78 -12.09 -14.18 -17.51
C LEU C 78 -11.31 -15.14 -18.38
N GLU C 79 -11.44 -14.98 -19.71
CA GLU C 79 -10.74 -15.84 -20.68
C GLU C 79 -9.24 -15.62 -20.71
N LEU C 80 -8.48 -16.71 -20.55
CA LEU C 80 -7.03 -16.62 -20.58
C LEU C 80 -6.38 -17.05 -21.89
N GLU C 81 -6.93 -18.06 -22.57
CA GLU C 81 -6.22 -18.65 -23.70
C GLU C 81 -6.28 -17.81 -24.99
N ASP C 82 -7.50 -17.43 -25.36
CA ASP C 82 -7.72 -16.57 -26.53
C ASP C 82 -7.57 -15.15 -26.03
N GLU C 83 -6.43 -14.53 -26.31
CA GLU C 83 -6.08 -13.21 -25.73
C GLU C 83 -7.04 -12.11 -26.16
N GLN C 84 -7.64 -12.28 -27.33
CA GLN C 84 -8.60 -11.29 -27.83
C GLN C 84 -10.05 -11.74 -27.77
N ALA C 85 -10.36 -12.77 -26.98
CA ALA C 85 -11.77 -13.11 -26.73
C ALA C 85 -12.56 -11.88 -26.28
N PRO C 86 -13.80 -11.70 -26.80
CA PRO C 86 -14.58 -10.57 -26.36
C PRO C 86 -15.04 -10.74 -24.94
N PRO C 87 -15.22 -9.60 -24.25
CA PRO C 87 -15.78 -9.63 -22.89
C PRO C 87 -17.29 -9.84 -22.88
N LEU C 88 -17.80 -10.21 -21.73
CA LEU C 88 -19.21 -10.29 -21.50
C LEU C 88 -19.67 -8.92 -20.94
N VAL C 89 -20.65 -8.33 -21.60
CA VAL C 89 -21.23 -7.05 -21.18
C VAL C 89 -22.70 -7.24 -20.84
N LEU C 90 -23.04 -6.95 -19.58
CA LEU C 90 -24.40 -7.13 -19.11
C LEU C 90 -25.03 -5.77 -18.79
N ILE C 91 -26.14 -5.44 -19.45
CA ILE C 91 -26.89 -4.22 -19.15
C ILE C 91 -28.24 -4.61 -18.64
N ASN C 92 -28.65 -3.99 -17.54
CA ASN C 92 -29.90 -4.34 -16.86
C ASN C 92 -30.10 -5.84 -16.63
N PRO C 93 -29.07 -6.52 -16.13
CA PRO C 93 -29.22 -7.92 -15.97
C PRO C 93 -30.25 -8.31 -14.89
N LYS C 94 -30.82 -9.50 -15.02
CA LYS C 94 -31.77 -10.00 -14.03
C LYS C 94 -31.42 -11.47 -13.82
N ILE C 95 -31.28 -11.90 -12.57
CA ILE C 95 -31.15 -13.34 -12.27
C ILE C 95 -32.52 -13.98 -12.45
N GLU C 96 -32.59 -14.90 -13.41
CA GLU C 96 -33.81 -15.65 -13.68
C GLU C 96 -33.93 -16.86 -12.75
N ARG C 97 -32.80 -17.55 -12.52
CA ARG C 97 -32.72 -18.65 -11.56
CA ARG C 97 -32.72 -18.70 -11.64
C ARG C 97 -31.29 -18.82 -11.10
N THR C 98 -31.15 -19.38 -9.88
CA THR C 98 -29.89 -20.02 -9.47
C THR C 98 -30.24 -21.48 -9.20
N ALA C 99 -29.24 -22.35 -9.29
CA ALA C 99 -29.47 -23.78 -9.13
C ALA C 99 -28.19 -24.46 -8.64
N GLY C 100 -28.35 -25.72 -8.26
CA GLY C 100 -27.20 -26.51 -7.84
C GLY C 100 -26.92 -26.32 -6.39
N ASP C 101 -25.84 -26.92 -5.96
CA ASP C 101 -25.41 -26.76 -4.59
C ASP C 101 -24.66 -25.43 -4.43
N LEU C 102 -24.48 -25.02 -3.20
CA LEU C 102 -23.50 -23.99 -2.90
C LEU C 102 -22.08 -24.56 -3.06
N GLU C 103 -21.22 -23.81 -3.71
CA GLU C 103 -19.84 -24.16 -3.83
C GLU C 103 -19.04 -23.03 -3.15
N GLN C 104 -18.07 -23.44 -2.34
CA GLN C 104 -17.21 -22.50 -1.64
C GLN C 104 -15.91 -22.33 -2.42
N CYS C 105 -15.61 -21.07 -2.72
CA CYS C 105 -14.36 -20.75 -3.42
C CYS C 105 -13.84 -19.40 -2.93
N GLN C 106 -12.55 -19.22 -3.11
CA GLN C 106 -11.91 -17.94 -2.78
C GLN C 106 -12.26 -16.86 -3.81
N GLU C 107 -12.60 -15.67 -3.31
CA GLU C 107 -12.89 -14.50 -4.12
C GLU C 107 -12.09 -13.31 -3.65
N GLY C 108 -11.82 -12.42 -4.58
CA GLY C 108 -11.39 -11.05 -4.28
C GLY C 108 -12.29 -10.09 -5.00
N CYS C 109 -11.87 -8.82 -4.98
CA CYS C 109 -12.64 -7.74 -5.60
C CYS C 109 -11.73 -6.54 -5.79
N LEU C 110 -11.87 -5.86 -6.93
CA LEU C 110 -11.12 -4.64 -7.17
C LEU C 110 -11.42 -3.54 -6.17
N SER C 111 -12.58 -3.57 -5.53
CA SER C 111 -12.91 -2.59 -4.53
C SER C 111 -12.41 -2.98 -3.14
N ILE C 112 -11.81 -4.15 -2.99
CA ILE C 112 -11.26 -4.56 -1.69
C ILE C 112 -9.86 -5.21 -1.91
N PRO C 113 -8.94 -4.41 -2.50
CA PRO C 113 -7.66 -4.98 -2.98
C PRO C 113 -6.90 -5.69 -1.91
N GLY C 114 -6.35 -6.84 -2.27
CA GLY C 114 -5.52 -7.62 -1.39
C GLY C 114 -6.23 -8.59 -0.43
N VAL C 115 -7.55 -8.52 -0.36
CA VAL C 115 -8.36 -9.40 0.50
C VAL C 115 -8.99 -10.53 -0.30
N TYR C 116 -8.71 -11.78 0.12
CA TYR C 116 -9.21 -12.97 -0.55
C TYR C 116 -9.79 -13.89 0.51
N LEU C 117 -11.06 -14.22 0.38
CA LEU C 117 -11.76 -14.99 1.40
C LEU C 117 -12.77 -15.89 0.71
N ASP C 118 -13.22 -16.90 1.46
CA ASP C 118 -14.11 -17.89 0.90
C ASP C 118 -15.52 -17.41 0.94
N VAL C 119 -16.23 -17.67 -0.16
CA VAL C 119 -17.63 -17.34 -0.33
C VAL C 119 -18.34 -18.58 -0.93
N GLU C 120 -19.52 -18.88 -0.38
CA GLU C 120 -20.42 -19.89 -0.94
C GLU C 120 -21.45 -19.24 -1.86
N ARG C 121 -21.58 -19.74 -3.09
CA ARG C 121 -22.58 -19.27 -4.04
C ARG C 121 -23.19 -20.44 -4.80
N PRO C 122 -24.41 -20.29 -5.30
CA PRO C 122 -24.99 -21.35 -6.16
C PRO C 122 -24.06 -21.66 -7.33
N GLU C 123 -23.98 -22.92 -7.70
CA GLU C 123 -23.11 -23.38 -8.80
C GLU C 123 -23.55 -22.92 -10.17
N ILE C 124 -24.85 -22.72 -10.35
CA ILE C 124 -25.47 -22.40 -11.66
C ILE C 124 -26.25 -21.09 -11.51
N VAL C 125 -26.13 -20.22 -12.51
CA VAL C 125 -27.00 -19.02 -12.58
C VAL C 125 -27.49 -18.83 -14.03
N GLU C 126 -28.73 -18.40 -14.15
CA GLU C 126 -29.27 -17.98 -15.42
C GLU C 126 -29.58 -16.50 -15.33
N VAL C 127 -29.07 -15.73 -16.30
CA VAL C 127 -29.30 -14.28 -16.35
CA VAL C 127 -29.25 -14.28 -16.35
C VAL C 127 -29.87 -13.89 -17.70
N SER C 128 -30.79 -12.96 -17.67
CA SER C 128 -31.26 -12.28 -18.85
C SER C 128 -30.70 -10.87 -18.80
N TYR C 129 -30.43 -10.28 -19.96
CA TYR C 129 -29.75 -8.99 -20.03
C TYR C 129 -29.80 -8.45 -21.42
N LYS C 130 -29.38 -7.22 -21.57
CA LYS C 130 -29.10 -6.64 -22.88
C LYS C 130 -27.62 -6.49 -23.08
N ASP C 131 -27.18 -6.69 -24.31
CA ASP C 131 -25.78 -6.43 -24.64
C ASP C 131 -25.59 -4.96 -25.01
N GLU C 132 -24.35 -4.59 -25.40
CA GLU C 132 -24.07 -3.20 -25.64
C GLU C 132 -24.69 -2.66 -26.90
N ASN C 133 -25.32 -3.53 -27.70
CA ASN C 133 -26.09 -3.10 -28.85
C ASN C 133 -27.58 -3.06 -28.62
N GLY C 134 -27.96 -3.28 -27.38
CA GLY C 134 -29.35 -3.26 -27.01
C GLY C 134 -30.09 -4.55 -27.33
N ARG C 135 -29.36 -5.61 -27.67
CA ARG C 135 -30.03 -6.87 -28.04
C ARG C 135 -30.28 -7.72 -26.79
N PRO C 136 -31.51 -8.21 -26.62
CA PRO C 136 -31.74 -9.11 -25.49
C PRO C 136 -30.96 -10.42 -25.63
N GLN C 137 -30.46 -10.90 -24.50
CA GLN C 137 -29.70 -12.11 -24.42
C GLN C 137 -30.09 -12.85 -23.15
N ARG C 138 -29.75 -14.13 -23.14
CA ARG C 138 -29.94 -14.97 -21.97
C ARG C 138 -28.79 -15.95 -21.90
N LEU C 139 -28.34 -16.29 -20.71
CA LEU C 139 -27.15 -17.08 -20.49
C LEU C 139 -27.39 -17.99 -19.28
N VAL C 140 -27.11 -19.28 -19.40
CA VAL C 140 -27.00 -20.17 -18.25
C VAL C 140 -25.53 -20.50 -18.04
N ALA C 141 -25.01 -20.15 -16.87
CA ALA C 141 -23.58 -20.28 -16.56
C ALA C 141 -23.33 -21.18 -15.36
N ASP C 142 -22.16 -21.85 -15.37
CA ASP C 142 -21.63 -22.55 -14.24
C ASP C 142 -20.17 -22.16 -14.04
N GLY C 143 -19.49 -22.79 -13.10
CA GLY C 143 -18.10 -22.54 -12.91
C GLY C 143 -17.75 -21.10 -12.59
N LEU C 144 -16.56 -20.69 -13.03
CA LEU C 144 -16.05 -19.37 -12.68
C LEU C 144 -16.89 -18.25 -13.25
N LEU C 145 -17.50 -18.50 -14.40
CA LEU C 145 -18.39 -17.52 -15.00
C LEU C 145 -19.59 -17.27 -14.10
N ALA C 146 -20.23 -18.35 -13.61
CA ALA C 146 -21.38 -18.17 -12.73
C ALA C 146 -21.00 -17.42 -11.46
N ARG C 147 -19.81 -17.71 -10.94
CA ARG C 147 -19.35 -17.08 -9.71
C ARG C 147 -19.18 -15.59 -9.95
N CYS C 148 -18.52 -15.26 -11.07
CA CYS C 148 -18.28 -13.86 -11.46
CA CYS C 148 -18.27 -13.88 -11.41
C CYS C 148 -19.57 -13.10 -11.64
N ILE C 149 -20.52 -13.70 -12.36
CA ILE C 149 -21.78 -13.05 -12.61
C ILE C 149 -22.46 -12.74 -11.29
N GLN C 150 -22.48 -13.70 -10.36
CA GLN C 150 -23.18 -13.49 -9.09
C GLN C 150 -22.49 -12.43 -8.21
N HIS C 151 -21.17 -12.47 -8.20
CA HIS C 151 -20.41 -11.44 -7.49
C HIS C 151 -20.76 -10.08 -8.04
N GLU C 152 -20.78 -9.95 -9.37
CA GLU C 152 -20.96 -8.65 -9.98
C GLU C 152 -22.41 -8.17 -9.82
N MET C 153 -23.37 -9.10 -9.90
CA MET C 153 -24.74 -8.70 -9.62
CA MET C 153 -24.78 -8.79 -9.60
C MET C 153 -24.94 -8.23 -8.19
N ASP C 154 -24.22 -8.80 -7.23
CA ASP C 154 -24.25 -8.29 -5.87
C ASP C 154 -23.87 -6.82 -5.80
N HIS C 155 -22.88 -6.38 -6.57
CA HIS C 155 -22.52 -4.95 -6.62
C HIS C 155 -23.66 -4.08 -6.98
N LEU C 156 -24.52 -4.53 -7.91
CA LEU C 156 -25.63 -3.71 -8.34
C LEU C 156 -26.70 -3.52 -7.28
N ASN C 157 -26.67 -4.36 -6.23
CA ASN C 157 -27.59 -4.25 -5.09
C ASN C 157 -26.90 -3.73 -3.83
N GLY C 158 -25.68 -3.21 -3.98
CA GLY C 158 -24.92 -2.66 -2.82
C GLY C 158 -24.34 -3.71 -1.87
N VAL C 159 -24.11 -4.90 -2.38
CA VAL C 159 -23.58 -6.05 -1.61
C VAL C 159 -22.18 -6.33 -2.08
N LEU C 160 -21.27 -6.54 -1.10
CA LEU C 160 -19.86 -6.83 -1.29
C LEU C 160 -19.58 -8.23 -0.77
N PHE C 161 -18.53 -8.87 -1.30
CA PHE C 161 -18.32 -10.30 -1.01
C PHE C 161 -18.03 -10.53 0.45
N VAL C 162 -17.40 -9.54 1.09
CA VAL C 162 -17.12 -9.66 2.51
C VAL C 162 -18.40 -9.81 3.37
N ASP C 163 -19.51 -9.33 2.84
CA ASP C 163 -20.82 -9.48 3.51
C ASP C 163 -21.25 -10.94 3.62
N ARG C 164 -20.72 -11.78 2.74
CA ARG C 164 -21.12 -13.19 2.68
C ARG C 164 -20.11 -14.14 3.37
N VAL C 165 -19.02 -13.58 3.89
CA VAL C 165 -18.00 -14.38 4.55
C VAL C 165 -18.46 -14.82 5.93
N GLU C 166 -18.31 -16.13 6.15
CA GLU C 166 -18.87 -16.77 7.31
C GLU C 166 -18.05 -16.57 8.58
N ASN C 167 -16.75 -16.78 8.50
CA ASN C 167 -15.91 -16.80 9.68
C ASN C 167 -15.48 -15.37 10.02
N ARG C 168 -16.06 -14.81 11.07
CA ARG C 168 -15.87 -13.40 11.43
C ARG C 168 -14.42 -13.09 11.76
N LEU C 169 -13.73 -13.98 12.50
CA LEU C 169 -12.33 -13.75 12.87
C LEU C 169 -11.41 -13.78 11.66
N GLU C 170 -11.63 -14.74 10.77
CA GLU C 170 -10.86 -14.77 9.52
C GLU C 170 -11.10 -13.50 8.73
N LEU C 171 -12.35 -13.06 8.63
CA LEU C 171 -12.69 -11.83 7.90
C LEU C 171 -11.93 -10.65 8.53
N ASN C 172 -12.05 -10.49 9.83
CA ASN C 172 -11.36 -9.42 10.54
C ASN C 172 -9.87 -9.42 10.24
N GLU C 173 -9.24 -10.59 10.32
CA GLU C 173 -7.78 -10.66 10.18
C GLU C 173 -7.36 -10.29 8.77
N ALA C 174 -8.14 -10.71 7.79
CA ALA C 174 -7.80 -10.40 6.41
C ALA C 174 -7.96 -8.91 6.11
N LEU C 175 -9.02 -8.31 6.62
CA LEU C 175 -9.21 -6.87 6.47
C LEU C 175 -8.11 -6.11 7.21
N ASP C 176 -7.71 -6.57 8.39
CA ASP C 176 -6.68 -5.88 9.15
C ASP C 176 -5.37 -5.87 8.42
N LYS C 177 -5.09 -6.93 7.67
CA LYS C 177 -3.84 -7.05 6.94
C LYS C 177 -3.78 -6.13 5.72
N LYS C 178 -4.88 -5.45 5.35
CA LYS C 178 -4.89 -4.54 4.20
CA LYS C 178 -4.88 -4.54 4.20
C LYS C 178 -5.46 -3.18 4.58
N GLY C 179 -5.71 -2.97 5.88
CA GLY C 179 -6.14 -1.65 6.37
C GLY C 179 -7.58 -1.28 6.05
N PHE C 180 -8.45 -2.26 5.93
CA PHE C 180 -9.87 -2.01 5.75
C PHE C 180 -10.61 -2.17 7.07
N ALA C 181 -11.76 -1.51 7.19
CA ALA C 181 -12.52 -1.54 8.43
C ALA C 181 -13.61 -2.62 8.47
N VAL C 182 -13.57 -3.48 9.50
CA VAL C 182 -14.61 -4.50 9.63
C VAL C 182 -15.98 -3.85 9.82
N GLN C 183 -15.99 -2.63 10.37
CA GLN C 183 -17.21 -1.84 10.49
C GLN C 183 -17.93 -1.57 9.19
N ALA C 184 -17.19 -1.63 8.07
CA ALA C 184 -17.75 -1.35 6.76
C ALA C 184 -18.45 -2.55 6.15
N VAL C 185 -18.33 -3.70 6.77
CA VAL C 185 -18.98 -4.92 6.32
C VAL C 185 -20.46 -4.83 6.72
N ARG C 186 -21.34 -5.39 5.90
CA ARG C 186 -22.79 -5.42 6.12
C ARG C 186 -23.26 -6.87 6.04
N PRO C 187 -23.21 -7.62 7.15
CA PRO C 187 -23.58 -9.05 7.04
C PRO C 187 -24.94 -9.17 6.34
N VAL C 188 -25.10 -10.10 5.40
CA VAL C 188 -26.40 -10.29 4.68
C VAL C 188 -27.48 -10.91 5.59
N ALA D 6 8.10 -22.95 -27.94
CA ALA D 6 8.10 -22.67 -26.48
C ALA D 6 8.88 -21.37 -26.19
N ILE D 7 8.93 -20.97 -24.91
CA ILE D 7 9.94 -20.03 -24.46
C ILE D 7 11.21 -20.85 -24.19
N ARG D 8 12.33 -20.36 -24.72
CA ARG D 8 13.67 -20.94 -24.45
C ARG D 8 14.62 -19.73 -24.24
N VAL D 9 15.35 -19.77 -23.13
CA VAL D 9 16.33 -18.77 -22.70
C VAL D 9 17.63 -19.53 -22.58
N ALA D 10 18.75 -18.89 -22.94
CA ALA D 10 20.07 -19.53 -22.79
C ALA D 10 20.27 -19.87 -21.31
N LYS D 11 20.82 -21.06 -21.02
CA LYS D 11 21.01 -21.50 -19.65
C LYS D 11 22.38 -21.06 -19.12
N LYS D 12 22.53 -19.75 -19.08
CA LYS D 12 23.77 -19.06 -18.87
C LYS D 12 23.65 -17.98 -17.82
N LYS D 13 24.69 -17.83 -17.01
CA LYS D 13 24.69 -16.80 -15.94
C LYS D 13 24.97 -15.43 -16.51
N LEU D 14 24.17 -14.46 -16.12
CA LEU D 14 24.40 -13.06 -16.45
C LEU D 14 25.03 -12.39 -15.26
N ALA D 15 26.02 -11.51 -15.51
CA ALA D 15 26.65 -10.72 -14.44
C ALA D 15 25.61 -9.76 -13.82
N LYS D 16 24.70 -9.30 -14.66
CA LYS D 16 23.64 -8.34 -14.26
C LYS D 16 22.24 -8.89 -14.63
N PRO D 17 21.63 -9.68 -13.74
CA PRO D 17 20.34 -10.24 -14.09
C PRO D 17 19.24 -9.18 -14.10
N PRO D 18 18.18 -9.41 -14.86
CA PRO D 18 17.25 -8.33 -15.13
C PRO D 18 16.27 -8.12 -13.98
N LEU D 19 16.15 -9.05 -13.05
CA LEU D 19 15.27 -8.91 -11.88
C LEU D 19 16.11 -9.16 -10.63
N ASP D 20 15.68 -8.62 -9.51
CA ASP D 20 16.42 -8.67 -8.23
C ASP D 20 15.73 -9.71 -7.33
N LEU D 21 16.53 -10.68 -6.84
CA LEU D 21 16.05 -11.63 -5.84
C LEU D 21 15.85 -10.88 -4.52
N HIS D 22 14.88 -11.38 -3.79
CA HIS D 22 14.57 -10.97 -2.43
C HIS D 22 14.80 -12.14 -1.49
N TYR D 23 15.21 -11.82 -0.28
CA TYR D 23 15.75 -12.81 0.62
C TYR D 23 15.01 -12.90 1.97
N LEU D 24 15.18 -14.03 2.64
CA LEU D 24 14.48 -14.35 3.88
C LEU D 24 14.44 -13.13 4.83
N GLY D 25 13.23 -12.76 5.22
CA GLY D 25 12.99 -11.52 6.01
C GLY D 25 12.15 -10.52 5.26
N ASP D 26 12.36 -10.48 3.94
CA ASP D 26 11.66 -9.54 3.12
C ASP D 26 10.18 -9.90 3.07
N ARG D 27 9.35 -8.90 3.26
CA ARG D 27 7.90 -9.11 3.27
C ARG D 27 7.32 -9.62 1.96
N VAL D 28 7.99 -9.39 0.84
CA VAL D 28 7.48 -9.83 -0.46
C VAL D 28 7.35 -11.35 -0.52
N LEU D 29 8.20 -12.05 0.26
CA LEU D 29 8.20 -13.50 0.32
C LEU D 29 7.04 -14.09 1.09
N ARG D 30 6.34 -13.27 1.86
CA ARG D 30 5.25 -13.71 2.72
C ARG D 30 3.88 -13.32 2.15
N GLN D 31 3.83 -12.59 1.04
CA GLN D 31 2.56 -12.16 0.44
C GLN D 31 2.03 -13.25 -0.50
N PRO D 32 0.88 -13.86 -0.18
CA PRO D 32 0.30 -14.87 -1.07
C PRO D 32 0.08 -14.22 -2.43
N ALA D 33 0.43 -14.98 -3.48
CA ALA D 33 0.46 -14.48 -4.85
C ALA D 33 -0.93 -14.35 -5.45
N LYS D 34 -1.16 -13.23 -6.14
CA LYS D 34 -2.44 -12.99 -6.84
CA LYS D 34 -2.43 -12.99 -6.83
C LYS D 34 -2.50 -13.84 -8.10
N ARG D 35 -3.71 -14.30 -8.40
CA ARG D 35 -4.00 -15.02 -9.62
C ARG D 35 -3.64 -14.15 -10.82
N VAL D 36 -3.06 -14.80 -11.82
CA VAL D 36 -2.75 -14.16 -13.04
C VAL D 36 -4.03 -14.07 -13.89
N SER D 37 -4.32 -12.88 -14.40
CA SER D 37 -5.55 -12.64 -15.15
C SER D 37 -5.36 -12.46 -16.66
N ARG D 38 -4.10 -12.34 -17.10
CA ARG D 38 -3.76 -12.19 -18.50
CA ARG D 38 -3.73 -12.16 -18.51
C ARG D 38 -2.43 -12.90 -18.75
N ILE D 39 -2.41 -13.73 -19.76
CA ILE D 39 -1.22 -14.49 -20.17
C ILE D 39 -0.80 -13.93 -21.52
N ASP D 40 -0.03 -12.85 -21.48
CA ASP D 40 0.16 -11.97 -22.60
C ASP D 40 1.65 -11.77 -22.90
N ASP D 41 1.98 -10.94 -23.89
CA ASP D 41 3.39 -10.71 -24.22
C ASP D 41 4.20 -10.16 -23.04
N GLU D 42 3.60 -9.26 -22.26
CA GLU D 42 4.26 -8.72 -21.09
C GLU D 42 4.60 -9.85 -20.13
N LEU D 43 3.66 -10.74 -19.90
CA LEU D 43 3.94 -11.86 -19.00
C LEU D 43 5.03 -12.77 -19.54
N ARG D 44 5.01 -13.00 -20.85
CA ARG D 44 6.03 -13.86 -21.46
C ARG D 44 7.43 -13.21 -21.37
N GLN D 45 7.50 -11.89 -21.43
CA GLN D 45 8.75 -11.18 -21.13
C GLN D 45 9.19 -11.38 -19.66
N THR D 46 8.28 -11.28 -18.72
CA THR D 46 8.60 -11.54 -17.33
C THR D 46 9.11 -12.99 -17.16
N ILE D 47 8.50 -13.92 -17.87
CA ILE D 47 8.91 -15.32 -17.81
C ILE D 47 10.37 -15.43 -18.28
N ARG D 48 10.72 -14.77 -19.39
CA ARG D 48 12.12 -14.84 -19.87
C ARG D 48 13.07 -14.23 -18.82
N GLN D 49 12.64 -13.13 -18.21
CA GLN D 49 13.47 -12.47 -17.23
C GLN D 49 13.63 -13.30 -15.97
N MET D 50 12.56 -13.97 -15.55
CA MET D 50 12.67 -14.85 -14.41
C MET D 50 13.63 -15.99 -14.72
N LEU D 51 13.54 -16.60 -15.88
CA LEU D 51 14.49 -17.66 -16.22
C LEU D 51 15.97 -17.16 -16.20
N GLN D 52 16.21 -15.99 -16.82
CA GLN D 52 17.54 -15.38 -16.77
C GLN D 52 18.01 -15.21 -15.35
N THR D 53 17.12 -14.72 -14.48
CA THR D 53 17.47 -14.46 -13.07
C THR D 53 17.75 -15.77 -12.34
N MET D 54 16.95 -16.79 -12.63
CA MET D 54 17.16 -18.13 -12.05
C MET D 54 18.51 -18.74 -12.47
N TYR D 55 18.79 -18.75 -13.76
CA TYR D 55 20.09 -19.26 -14.22
C TYR D 55 21.24 -18.45 -13.64
N SER D 56 21.04 -17.15 -13.41
CA SER D 56 22.09 -16.30 -12.92
C SER D 56 22.46 -16.57 -11.48
N ALA D 57 21.54 -17.18 -10.73
CA ALA D 57 21.83 -17.54 -9.35
C ALA D 57 21.93 -19.06 -9.19
N ASP D 58 22.13 -19.78 -10.28
CA ASP D 58 22.31 -21.22 -10.30
C ASP D 58 21.14 -21.99 -9.72
N GLY D 59 19.93 -21.56 -10.06
CA GLY D 59 18.72 -22.25 -9.58
C GLY D 59 18.08 -23.18 -10.53
N ILE D 60 17.18 -24.01 -10.01
CA ILE D 60 16.39 -24.90 -10.83
C ILE D 60 14.89 -24.54 -10.77
N GLY D 61 14.54 -23.58 -9.94
CA GLY D 61 13.18 -23.07 -9.94
C GLY D 61 13.16 -21.69 -9.34
N LEU D 62 12.13 -20.94 -9.71
CA LEU D 62 11.92 -19.58 -9.24
C LEU D 62 10.46 -19.23 -9.32
N ALA D 63 9.96 -18.66 -8.24
CA ALA D 63 8.57 -18.21 -8.12
C ALA D 63 8.52 -16.68 -8.15
N ALA D 64 7.47 -16.11 -8.75
CA ALA D 64 7.42 -14.67 -8.94
C ALA D 64 7.58 -13.83 -7.68
N PRO D 65 7.02 -14.26 -6.53
CA PRO D 65 7.26 -13.43 -5.35
C PRO D 65 8.73 -13.29 -4.95
N GLN D 66 9.57 -14.25 -5.30
CA GLN D 66 11.00 -14.12 -5.03
C GLN D 66 11.66 -12.98 -5.75
N VAL D 67 11.08 -12.48 -6.83
CA VAL D 67 11.58 -11.31 -7.53
C VAL D 67 10.65 -10.12 -7.32
N GLY D 68 9.81 -10.20 -6.28
CA GLY D 68 8.90 -9.10 -5.95
C GLY D 68 7.69 -8.92 -6.84
N ILE D 69 7.34 -9.95 -7.61
CA ILE D 69 6.21 -9.92 -8.52
C ILE D 69 5.07 -10.71 -7.88
N ASN D 70 3.95 -10.02 -7.64
CA ASN D 70 2.79 -10.60 -6.96
C ASN D 70 1.89 -11.35 -7.95
N LYS D 71 2.40 -12.49 -8.43
CA LYS D 71 1.70 -13.31 -9.41
C LYS D 71 1.92 -14.78 -9.15
N GLN D 72 0.90 -15.60 -9.42
CA GLN D 72 1.00 -17.08 -9.38
C GLN D 72 1.67 -17.59 -10.64
N LEU D 73 2.98 -17.45 -10.63
CA LEU D 73 3.84 -17.77 -11.76
C LEU D 73 5.14 -18.40 -11.24
N ILE D 74 5.50 -19.55 -11.77
CA ILE D 74 6.69 -20.34 -11.44
C ILE D 74 7.36 -20.75 -12.76
N VAL D 75 8.67 -20.69 -12.74
CA VAL D 75 9.50 -21.29 -13.80
C VAL D 75 10.39 -22.34 -13.15
N ILE D 76 10.55 -23.48 -13.83
CA ILE D 76 11.39 -24.57 -13.34
C ILE D 76 12.19 -25.14 -14.50
N ASP D 77 13.44 -25.46 -14.23
CA ASP D 77 14.29 -26.18 -15.20
C ASP D 77 15.29 -27.03 -14.46
N LEU D 78 15.03 -28.33 -14.39
CA LEU D 78 15.96 -29.25 -13.78
CA LEU D 78 15.96 -29.26 -13.77
C LEU D 78 17.10 -29.61 -14.72
N GLU D 79 16.90 -29.34 -16.01
CA GLU D 79 17.80 -29.86 -17.04
C GLU D 79 18.81 -28.84 -17.50
N LEU D 80 19.60 -28.37 -16.57
CA LEU D 80 20.52 -27.26 -16.83
C LEU D 80 21.59 -27.66 -17.81
N GLU D 81 21.89 -28.95 -17.86
CA GLU D 81 22.94 -29.46 -18.77
C GLU D 81 22.47 -29.77 -20.18
N ASP D 82 21.19 -29.63 -20.45
CA ASP D 82 20.64 -29.81 -21.80
C ASP D 82 20.06 -28.51 -22.29
N GLU D 83 20.80 -27.85 -23.17
CA GLU D 83 20.49 -26.50 -23.62
C GLU D 83 19.19 -26.45 -24.41
N GLN D 84 18.84 -27.58 -25.02
CA GLN D 84 17.62 -27.75 -25.81
C GLN D 84 16.37 -28.08 -24.98
N ALA D 85 16.53 -28.64 -23.77
CA ALA D 85 15.34 -29.00 -22.94
C ALA D 85 14.57 -27.74 -22.52
N PRO D 86 13.28 -27.64 -22.88
CA PRO D 86 12.47 -26.49 -22.48
C PRO D 86 12.28 -26.43 -21.00
N PRO D 87 12.18 -25.23 -20.44
CA PRO D 87 11.74 -25.05 -19.05
C PRO D 87 10.26 -25.37 -18.89
N LEU D 88 9.85 -25.60 -17.64
CA LEU D 88 8.42 -25.76 -17.26
C LEU D 88 7.91 -24.44 -16.69
N VAL D 89 6.81 -23.94 -17.24
CA VAL D 89 6.19 -22.69 -16.78
C VAL D 89 4.80 -23.00 -16.22
N LEU D 90 4.59 -22.68 -14.95
CA LEU D 90 3.31 -22.96 -14.26
C LEU D 90 2.66 -21.62 -13.97
N ILE D 91 1.47 -21.39 -14.52
CA ILE D 91 0.67 -20.21 -14.24
C ILE D 91 -0.65 -20.65 -13.54
N ASN D 92 -0.96 -19.99 -12.45
CA ASN D 92 -2.13 -20.32 -11.62
C ASN D 92 -2.22 -21.82 -11.29
N PRO D 93 -1.10 -22.43 -10.86
CA PRO D 93 -1.13 -23.87 -10.60
C PRO D 93 -1.96 -24.24 -9.38
N LYS D 94 -2.44 -25.46 -9.42
CA LYS D 94 -3.17 -26.03 -8.31
C LYS D 94 -2.73 -27.46 -8.12
N ILE D 95 -2.40 -27.83 -6.88
CA ILE D 95 -2.13 -29.23 -6.52
C ILE D 95 -3.48 -29.94 -6.47
N GLU D 96 -3.66 -30.93 -7.34
CA GLU D 96 -4.88 -31.70 -7.40
C GLU D 96 -4.83 -32.84 -6.40
N ARG D 97 -3.67 -33.46 -6.25
CA ARG D 97 -3.45 -34.45 -5.21
C ARG D 97 -1.97 -34.69 -5.06
N THR D 98 -1.61 -35.31 -3.95
CA THR D 98 -0.30 -35.87 -3.77
C THR D 98 -0.43 -37.38 -3.57
N ALA D 99 0.70 -38.09 -3.68
CA ALA D 99 0.75 -39.53 -3.51
C ALA D 99 2.17 -39.97 -3.18
N GLY D 100 2.35 -41.26 -3.06
CA GLY D 100 3.63 -41.81 -2.68
C GLY D 100 3.81 -41.68 -1.18
N ASP D 101 4.98 -41.99 -0.72
CA ASP D 101 5.24 -41.82 0.70
C ASP D 101 5.82 -40.43 0.93
N LEU D 102 5.89 -40.07 2.19
CA LEU D 102 6.61 -38.89 2.60
C LEU D 102 8.12 -39.22 2.50
N GLU D 103 8.87 -38.29 1.95
CA GLU D 103 10.30 -38.38 1.87
CA GLU D 103 10.31 -38.38 1.88
C GLU D 103 10.96 -37.11 2.45
N GLN D 104 12.02 -37.29 3.20
CA GLN D 104 12.78 -36.20 3.76
C GLN D 104 14.08 -36.04 2.95
N CYS D 105 14.30 -34.86 2.35
CA CYS D 105 15.47 -34.56 1.55
C CYS D 105 15.94 -33.13 1.78
N GLN D 106 17.20 -32.89 1.47
CA GLN D 106 17.79 -31.56 1.64
C GLN D 106 17.28 -30.64 0.57
N GLU D 107 16.93 -29.42 1.00
CA GLU D 107 16.54 -28.37 0.04
C GLU D 107 17.31 -27.11 0.30
N GLY D 108 17.53 -26.37 -0.80
CA GLY D 108 17.95 -24.95 -0.77
C GLY D 108 16.88 -24.04 -1.39
N CYS D 109 17.21 -22.77 -1.53
CA CYS D 109 16.32 -21.76 -2.10
C CYS D 109 17.14 -20.54 -2.48
N LEU D 110 16.90 -20.00 -3.64
CA LEU D 110 17.56 -18.80 -4.10
C LEU D 110 17.30 -17.59 -3.18
N SER D 111 16.21 -17.62 -2.44
CA SER D 111 15.93 -16.56 -1.47
C SER D 111 16.56 -16.79 -0.11
N ILE D 112 17.26 -17.90 0.09
CA ILE D 112 17.94 -18.21 1.34
C ILE D 112 19.30 -18.83 0.98
N PRO D 113 20.14 -18.05 0.28
CA PRO D 113 21.34 -18.65 -0.27
C PRO D 113 22.27 -19.19 0.81
N GLY D 114 22.85 -20.34 0.49
CA GLY D 114 23.76 -21.04 1.40
C GLY D 114 23.15 -21.88 2.52
N VAL D 115 21.82 -21.90 2.63
CA VAL D 115 21.14 -22.66 3.68
C VAL D 115 20.54 -23.92 3.06
N TYR D 116 20.93 -25.09 3.58
CA TYR D 116 20.42 -26.36 3.11
C TYR D 116 19.98 -27.16 4.35
N LEU D 117 18.73 -27.59 4.33
CA LEU D 117 18.08 -28.25 5.48
C LEU D 117 17.11 -29.30 4.96
N ASP D 118 16.84 -30.32 5.78
CA ASP D 118 15.92 -31.40 5.39
C ASP D 118 14.47 -30.95 5.45
N VAL D 119 13.67 -31.35 4.47
CA VAL D 119 12.25 -31.01 4.44
C VAL D 119 11.55 -32.29 4.04
N GLU D 120 10.49 -32.64 4.75
CA GLU D 120 9.63 -33.77 4.40
C GLU D 120 8.46 -33.33 3.51
N ARG D 121 8.26 -34.04 2.39
CA ARG D 121 7.14 -33.78 1.49
C ARG D 121 6.66 -35.08 0.87
N PRO D 122 5.42 -35.09 0.41
CA PRO D 122 5.01 -36.22 -0.41
C PRO D 122 5.89 -36.36 -1.64
N GLU D 123 6.16 -37.60 -2.03
CA GLU D 123 7.07 -37.83 -3.11
C GLU D 123 6.48 -37.56 -4.49
N ILE D 124 5.15 -37.62 -4.63
CA ILE D 124 4.48 -37.47 -5.94
C ILE D 124 3.41 -36.38 -5.87
N VAL D 125 3.32 -35.54 -6.92
CA VAL D 125 2.33 -34.50 -6.95
C VAL D 125 1.68 -34.47 -8.35
N GLU D 126 0.40 -34.18 -8.39
CA GLU D 126 -0.31 -33.89 -9.65
C GLU D 126 -0.72 -32.47 -9.59
N VAL D 127 -0.44 -31.72 -10.65
CA VAL D 127 -0.79 -30.30 -10.68
CA VAL D 127 -0.72 -30.29 -10.71
C VAL D 127 -1.55 -29.97 -11.95
N SER D 128 -2.51 -29.07 -11.84
CA SER D 128 -3.14 -28.50 -13.02
C SER D 128 -2.66 -27.04 -13.09
N TYR D 129 -2.58 -26.53 -14.31
CA TYR D 129 -2.00 -25.18 -14.51
C TYR D 129 -2.35 -24.64 -15.86
N LYS D 130 -2.04 -23.38 -16.09
CA LYS D 130 -2.04 -22.79 -17.41
CA LYS D 130 -2.03 -22.78 -17.41
C LYS D 130 -0.59 -22.63 -17.86
N ASP D 131 -0.31 -22.94 -19.11
CA ASP D 131 1.00 -22.75 -19.69
C ASP D 131 1.19 -21.32 -20.23
N GLU D 132 2.34 -21.05 -20.82
CA GLU D 132 2.69 -19.69 -21.22
C GLU D 132 1.85 -19.15 -22.37
N ASN D 133 1.04 -20.01 -22.99
CA ASN D 133 0.11 -19.64 -24.04
C ASN D 133 -1.34 -19.68 -23.56
N GLY D 134 -1.51 -19.80 -22.24
CA GLY D 134 -2.85 -19.77 -21.64
C GLY D 134 -3.63 -21.05 -21.79
N ARG D 135 -2.98 -22.11 -22.26
CA ARG D 135 -3.61 -23.38 -22.42
C ARG D 135 -3.62 -24.20 -21.15
N PRO D 136 -4.75 -24.75 -20.78
CA PRO D 136 -4.76 -25.63 -19.62
C PRO D 136 -3.97 -26.89 -19.82
N GLN D 137 -3.22 -27.26 -18.77
CA GLN D 137 -2.41 -28.46 -18.78
C GLN D 137 -2.52 -29.17 -17.45
N ARG D 138 -2.00 -30.39 -17.42
CA ARG D 138 -1.85 -31.11 -16.15
C ARG D 138 -0.59 -31.96 -16.20
N LEU D 139 -0.03 -32.26 -15.04
CA LEU D 139 1.22 -32.99 -14.98
C LEU D 139 1.22 -33.81 -13.70
N VAL D 140 1.77 -35.02 -13.77
CA VAL D 140 2.11 -35.78 -12.59
CA VAL D 140 2.12 -35.76 -12.58
C VAL D 140 3.62 -35.84 -12.53
N ALA D 141 4.16 -35.62 -11.33
CA ALA D 141 5.61 -35.57 -11.11
C ALA D 141 6.05 -36.35 -9.90
N ASP D 142 7.29 -36.83 -9.93
CA ASP D 142 7.95 -37.50 -8.83
C ASP D 142 9.33 -36.96 -8.61
N GLY D 143 10.05 -37.53 -7.64
CA GLY D 143 11.47 -37.23 -7.49
C GLY D 143 11.74 -35.73 -7.33
N LEU D 144 12.82 -35.29 -7.97
CA LEU D 144 13.24 -33.92 -7.81
C LEU D 144 12.22 -32.92 -8.41
N LEU D 145 11.56 -33.31 -9.49
CA LEU D 145 10.65 -32.41 -10.15
C LEU D 145 9.47 -32.16 -9.19
N ALA D 146 8.95 -33.20 -8.56
CA ALA D 146 7.85 -33.03 -7.60
C ALA D 146 8.26 -32.21 -6.39
N ARG D 147 9.48 -32.43 -5.92
CA ARG D 147 9.97 -31.65 -4.79
C ARG D 147 10.04 -30.14 -5.14
N CYS D 148 10.61 -29.86 -6.30
CA CYS D 148 10.76 -28.47 -6.75
CA CYS D 148 10.71 -28.48 -6.78
C CYS D 148 9.38 -27.83 -6.97
N ILE D 149 8.47 -28.54 -7.65
CA ILE D 149 7.13 -28.02 -7.80
C ILE D 149 6.50 -27.67 -6.46
N GLN D 150 6.57 -28.57 -5.47
CA GLN D 150 5.94 -28.27 -4.19
C GLN D 150 6.65 -27.10 -3.44
N HIS D 151 7.95 -27.07 -3.53
CA HIS D 151 8.75 -25.96 -2.97
C HIS D 151 8.27 -24.67 -3.60
N GLU D 152 8.13 -24.64 -4.94
CA GLU D 152 7.79 -23.41 -5.63
C GLU D 152 6.34 -23.00 -5.34
N MET D 153 5.46 -23.99 -5.28
CA MET D 153 4.04 -23.75 -4.92
CA MET D 153 4.07 -23.65 -4.98
C MET D 153 3.95 -23.09 -3.55
N ASP D 154 4.78 -23.55 -2.63
CA ASP D 154 4.81 -22.94 -1.28
C ASP D 154 5.07 -21.45 -1.38
N HIS D 155 5.96 -21.07 -2.29
CA HIS D 155 6.30 -19.63 -2.46
C HIS D 155 5.13 -18.82 -2.83
N LEU D 156 4.20 -19.40 -3.58
CA LEU D 156 2.99 -18.68 -3.99
C LEU D 156 1.98 -18.49 -2.87
N ASN D 157 2.16 -19.19 -1.75
CA ASN D 157 1.30 -19.08 -0.57
C ASN D 157 2.03 -18.39 0.56
N GLY D 158 3.18 -17.79 0.25
CA GLY D 158 3.96 -17.13 1.30
C GLY D 158 4.66 -18.05 2.30
N VAL D 159 5.00 -19.27 1.84
CA VAL D 159 5.66 -20.30 2.64
C VAL D 159 7.07 -20.56 2.08
N LEU D 160 8.04 -20.63 3.01
CA LEU D 160 9.45 -20.83 2.71
C LEU D 160 9.86 -22.16 3.31
N PHE D 161 10.89 -22.77 2.74
CA PHE D 161 11.20 -24.17 3.10
C PHE D 161 11.61 -24.29 4.58
N VAL D 162 12.20 -23.19 5.10
CA VAL D 162 12.62 -23.16 6.50
C VAL D 162 11.45 -23.33 7.46
N ASP D 163 10.27 -22.95 7.02
CA ASP D 163 9.03 -23.08 7.81
C ASP D 163 8.71 -24.55 8.11
N ARG D 164 9.21 -25.44 7.25
CA ARG D 164 8.90 -26.88 7.35
C ARG D 164 10.02 -27.67 8.05
N VAL D 165 11.11 -27.01 8.41
CA VAL D 165 12.25 -27.72 9.00
C VAL D 165 11.91 -28.04 10.48
N GLU D 166 12.12 -29.30 10.85
CA GLU D 166 11.74 -29.86 12.14
C GLU D 166 12.78 -29.61 13.21
N ASN D 167 14.06 -29.64 12.86
CA ASN D 167 15.09 -29.50 13.89
C ASN D 167 15.45 -28.04 14.08
N ARG D 168 14.93 -27.47 15.15
CA ARG D 168 14.99 -26.04 15.40
C ARG D 168 16.44 -25.55 15.63
N LEU D 169 17.24 -26.35 16.31
CA LEU D 169 18.62 -25.94 16.53
C LEU D 169 19.41 -26.03 15.24
N GLU D 170 19.21 -27.10 14.48
CA GLU D 170 19.84 -27.17 13.16
C GLU D 170 19.41 -25.99 12.27
N LEU D 171 18.12 -25.62 12.32
CA LEU D 171 17.60 -24.46 11.56
C LEU D 171 18.30 -23.15 11.98
N ASN D 172 18.31 -22.89 13.29
CA ASN D 172 19.02 -21.74 13.87
C ASN D 172 20.46 -21.64 13.44
N GLU D 173 21.21 -22.75 13.59
CA GLU D 173 22.63 -22.77 13.24
C GLU D 173 22.86 -22.47 11.79
N ALA D 174 22.05 -23.05 10.93
CA ALA D 174 22.23 -22.84 9.50
C ALA D 174 21.94 -21.41 9.09
N LEU D 175 20.90 -20.82 9.67
CA LEU D 175 20.53 -19.43 9.34
C LEU D 175 21.58 -18.44 9.92
N ASP D 176 21.95 -18.64 11.18
CA ASP D 176 22.97 -17.80 11.82
C ASP D 176 24.29 -17.84 11.06
N LYS D 177 24.65 -19.01 10.54
CA LYS D 177 25.92 -19.16 9.82
C LYS D 177 25.95 -18.36 8.52
N LYS D 178 24.79 -18.06 7.95
CA LYS D 178 24.77 -17.32 6.68
C LYS D 178 24.22 -15.91 6.86
N GLY D 179 24.05 -15.49 8.11
CA GLY D 179 23.57 -14.16 8.45
C GLY D 179 22.09 -13.90 8.36
N PHE D 180 21.25 -14.94 8.37
CA PHE D 180 19.77 -14.76 8.36
C PHE D 180 19.15 -14.79 9.75
N ALA D 181 17.95 -14.25 9.89
CA ALA D 181 17.27 -14.22 11.18
C ALA D 181 16.28 -15.36 11.33
N VAL D 182 16.35 -16.12 12.43
CA VAL D 182 15.40 -17.22 12.65
C VAL D 182 14.00 -16.66 12.97
N GLN D 183 13.94 -15.40 13.40
CA GLN D 183 12.67 -14.74 13.59
C GLN D 183 11.85 -14.58 12.31
N ALA D 184 12.51 -14.70 11.15
CA ALA D 184 11.83 -14.59 9.85
C ALA D 184 11.12 -15.87 9.46
N VAL D 185 11.34 -16.95 10.21
CA VAL D 185 10.69 -18.26 9.93
C VAL D 185 9.27 -18.22 10.49
N ARG D 186 8.39 -18.97 9.85
CA ARG D 186 6.97 -19.07 10.24
C ARG D 186 6.56 -20.54 10.30
N PRO D 187 6.82 -21.19 11.43
N PRO D 187 5.91 -20.93 11.43
CA PRO D 187 6.57 -22.63 11.36
CA PRO D 187 5.36 -22.29 11.60
C PRO D 187 5.12 -22.83 10.94
C PRO D 187 4.44 -22.68 10.43
N VAL D 188 4.86 -23.55 9.86
N VAL D 188 4.30 -24.01 10.16
CA VAL D 188 3.48 -23.66 9.32
CA VAL D 188 3.40 -24.61 9.11
C VAL D 188 3.53 -24.25 7.89
C VAL D 188 1.95 -24.62 9.56
ZN ZN E . 14.50 5.58 9.32
C1 EDO F . 12.16 -11.38 10.66
O1 EDO F . 13.27 -10.54 10.81
C2 EDO F . 10.62 -11.08 10.71
O2 EDO F . 9.86 -11.52 9.64
C FMT G . 14.22 7.26 7.61
O1 FMT G . 14.17 7.63 6.44
O2 FMT G . 15.33 7.03 8.16
ZN ZN H . -13.79 18.76 8.34
CL CL I . -6.79 31.45 -8.31
C1 EDO J . 7.21 11.94 8.99
O1 EDO J . 7.47 10.68 8.35
C2 EDO J . 6.01 11.50 9.73
O2 EDO J . 5.57 11.89 10.86
C FMT K . -13.97 20.58 6.74
O1 FMT K . -14.24 21.10 5.57
O2 FMT K . -12.81 20.20 7.29
ZN ZN L . -16.26 -6.97 -6.79
C1 EDO M . -17.03 1.74 8.00
O1 EDO M . -16.19 2.50 8.46
C2 EDO M . -18.50 2.19 8.03
O2 EDO M . -19.22 2.05 6.89
C FMT N . -14.72 -6.86 -8.64
O1 FMT N . -13.75 -6.44 -9.38
O2 FMT N . -16.00 -6.70 -8.87
ZN ZN O . 12.68 -21.25 -2.98
C FMT P . 14.00 -21.25 -4.90
O1 FMT P . 14.76 -21.00 -5.86
O2 FMT P . 12.77 -21.19 -5.12
#